data_1E5N
#
_entry.id   1E5N
#
_cell.length_a   96.700
_cell.length_b   96.700
_cell.length_c   152.700
_cell.angle_alpha   90.00
_cell.angle_beta   90.00
_cell.angle_gamma   90.00
#
_symmetry.space_group_name_H-M   'P 43 21 2'
#
loop_
_entity.id
_entity.type
_entity.pdbx_description
1 polymer 'ENDO-1,4-BETA-XYLANASE A'
2 branched beta-D-xylopyranose-(1-4)-beta-D-xylopyranose-(1-4)-beta-D-xylopyranose-(1-4)-beta-D-xylopyranose-(1-4)-beta-D-xylopyranose
3 non-polymer 'CALCIUM ION'
#
_entity_poly.entity_id   1
_entity_poly.type   'polypeptide(L)'
_entity_poly.pdbx_seq_one_letter_code
;NGLASLADFPIGVAVAASGGNADIFTSSARQNIVRAEFNQITAENIMKMSYMYSGSNFSFTNSDRLVSWAAQNGQTVHGH
ALVWHPSYQLPNWASDSNANFRQDFARHIDTVAAHFAGQVKSWDVVNEALFDSADDPDGRGSANGYRQSVFYRQFGGPEY
IDEAFRRARAADPTAELYYNDFNTEENGAKTTALVNLVQRLLNNGVPIDGVGFQMHVMNDYPSIANIRQAMQKIVALSPT
LKIKITCLDVRLNNPYDGNSSNDYTNRNDCAVSCAGLDRQKARYKEIVQAYLEVVPPGRRGGITVWGIADPDSWLYTHQN
LPDWPLLFNDNLQPKPAYQGVVEALSGR
;
_entity_poly.pdbx_strand_id   A,B
#
loop_
_chem_comp.id
_chem_comp.type
_chem_comp.name
_chem_comp.formula
CA non-polymer 'CALCIUM ION' 'Ca 2'
XYP D-saccharide, beta linking beta-D-xylopyranose 'C5 H10 O5'
#
# COMPACT_ATOMS: atom_id res chain seq x y z
N GLY A 2 -21.06 0.59 -26.51
CA GLY A 2 -20.39 0.95 -25.23
C GLY A 2 -19.66 2.28 -25.25
N LEU A 3 -18.83 2.51 -24.24
CA LEU A 3 -18.05 3.72 -24.13
C LEU A 3 -17.22 3.99 -25.36
N ALA A 4 -16.49 3.02 -25.86
CA ALA A 4 -15.67 3.24 -27.04
C ALA A 4 -16.39 3.79 -28.30
N SER A 5 -17.69 3.50 -28.40
CA SER A 5 -18.48 3.94 -29.53
C SER A 5 -18.85 5.39 -29.47
N LEU A 6 -18.62 6.05 -28.34
CA LEU A 6 -18.96 7.46 -28.21
C LEU A 6 -17.79 8.41 -28.46
N ALA A 7 -16.60 7.88 -28.70
CA ALA A 7 -15.44 8.74 -28.89
C ALA A 7 -14.62 8.31 -30.10
N ASP A 8 -13.81 9.23 -30.61
CA ASP A 8 -13.00 8.92 -31.78
C ASP A 8 -11.51 8.72 -31.46
N PHE A 9 -11.23 8.58 -30.17
CA PHE A 9 -9.88 8.33 -29.67
C PHE A 9 -10.08 7.12 -28.76
N PRO A 10 -8.98 6.41 -28.41
CA PRO A 10 -9.03 5.24 -27.55
C PRO A 10 -9.70 5.44 -26.19
N ILE A 11 -10.51 4.46 -25.81
CA ILE A 11 -11.16 4.40 -24.51
C ILE A 11 -10.67 3.04 -23.99
N GLY A 12 -9.69 3.06 -23.08
CA GLY A 12 -9.13 1.82 -22.61
C GLY A 12 -9.30 1.50 -21.14
N VAL A 13 -8.77 0.34 -20.76
CA VAL A 13 -8.84 -0.15 -19.38
C VAL A 13 -7.61 -1.01 -19.11
N ALA A 14 -7.19 -1.06 -17.86
CA ALA A 14 -6.03 -1.86 -17.46
C ALA A 14 -6.51 -3.28 -17.16
N VAL A 15 -5.71 -4.28 -17.54
CA VAL A 15 -6.10 -5.66 -17.28
C VAL A 15 -5.10 -6.48 -16.46
N ALA A 16 -5.69 -7.24 -15.55
CA ALA A 16 -4.87 -8.08 -14.70
C ALA A 16 -4.60 -9.36 -15.48
N ALA A 17 -3.47 -9.98 -15.25
CA ALA A 17 -3.19 -11.21 -15.95
C ALA A 17 -2.26 -12.01 -15.07
N SER A 18 -2.45 -11.93 -13.75
CA SER A 18 -1.57 -12.66 -12.83
C SER A 18 -2.24 -13.67 -11.89
N GLY A 19 -3.30 -14.30 -12.39
CA GLY A 19 -4.07 -15.27 -11.61
C GLY A 19 -5.03 -14.47 -10.79
N GLY A 20 -5.88 -15.09 -10.00
CA GLY A 20 -6.79 -14.29 -9.17
C GLY A 20 -8.12 -14.07 -9.83
N ASN A 21 -9.01 -13.36 -9.16
CA ASN A 21 -10.36 -13.12 -9.75
C ASN A 21 -10.37 -12.14 -10.90
N ALA A 22 -9.43 -11.20 -10.90
CA ALA A 22 -9.39 -10.20 -11.95
C ALA A 22 -8.68 -10.64 -13.20
N ASP A 23 -8.01 -11.80 -13.17
CA ASP A 23 -7.26 -12.30 -14.33
C ASP A 23 -8.20 -12.29 -15.55
N ILE A 24 -7.77 -11.56 -16.60
CA ILE A 24 -8.51 -11.37 -17.86
C ILE A 24 -8.71 -12.65 -18.67
N PHE A 25 -7.75 -13.56 -18.62
CA PHE A 25 -7.81 -14.83 -19.34
C PHE A 25 -8.73 -15.82 -18.67
N THR A 26 -9.03 -15.57 -17.41
CA THR A 26 -9.86 -16.45 -16.59
C THR A 26 -11.29 -15.98 -16.34
N SER A 27 -11.52 -14.67 -16.35
CA SER A 27 -12.85 -14.14 -16.11
C SER A 27 -13.56 -13.77 -17.41
N SER A 28 -14.50 -14.60 -17.84
CA SER A 28 -15.22 -14.32 -19.07
C SER A 28 -16.10 -13.08 -18.87
N ALA A 29 -16.61 -12.87 -17.66
CA ALA A 29 -17.43 -11.69 -17.43
C ALA A 29 -16.57 -10.47 -17.70
N ARG A 30 -15.30 -10.53 -17.33
CA ARG A 30 -14.45 -9.38 -17.54
C ARG A 30 -14.19 -9.17 -19.02
N GLN A 31 -13.94 -10.27 -19.72
CA GLN A 31 -13.70 -10.24 -21.15
C GLN A 31 -14.88 -9.62 -21.87
N ASN A 32 -16.10 -9.91 -21.41
CA ASN A 32 -17.31 -9.37 -22.04
C ASN A 32 -17.42 -7.84 -21.83
N ILE A 33 -16.97 -7.36 -20.69
CA ILE A 33 -17.02 -5.92 -20.44
C ILE A 33 -16.01 -5.24 -21.35
N VAL A 34 -14.82 -5.81 -21.44
CA VAL A 34 -13.78 -5.23 -22.28
C VAL A 34 -14.25 -5.16 -23.74
N ARG A 35 -14.81 -6.27 -24.22
CA ARG A 35 -15.30 -6.37 -25.60
C ARG A 35 -16.43 -5.40 -25.90
N ALA A 36 -17.24 -5.11 -24.90
CA ALA A 36 -18.39 -4.24 -25.07
C ALA A 36 -18.15 -2.78 -24.83
N GLU A 37 -17.17 -2.43 -24.01
CA GLU A 37 -16.96 -1.03 -23.64
C GLU A 37 -15.67 -0.38 -24.08
N PHE A 38 -14.62 -1.14 -24.21
CA PHE A 38 -13.34 -0.54 -24.57
C PHE A 38 -12.77 -0.94 -25.92
N ASN A 39 -11.72 -0.22 -26.35
CA ASN A 39 -11.06 -0.57 -27.60
C ASN A 39 -9.57 -0.51 -27.44
N GLN A 40 -9.14 -0.45 -26.19
CA GLN A 40 -7.73 -0.46 -25.91
C GLN A 40 -7.54 -1.02 -24.51
N ILE A 41 -6.41 -1.68 -24.30
CA ILE A 41 -6.08 -2.20 -22.98
C ILE A 41 -4.60 -1.88 -22.65
N THR A 42 -4.30 -1.73 -21.35
CA THR A 42 -2.94 -1.51 -20.88
C THR A 42 -2.77 -2.64 -19.86
N ALA A 43 -1.64 -3.34 -19.92
CA ALA A 43 -1.42 -4.40 -18.98
C ALA A 43 -1.09 -3.75 -17.64
N GLU A 44 -1.93 -4.01 -16.64
CA GLU A 44 -1.71 -3.42 -15.32
C GLU A 44 -0.31 -3.77 -14.76
N ASN A 45 0.21 -4.96 -15.02
CA ASN A 45 1.50 -5.33 -14.46
C ASN A 45 2.47 -6.16 -15.30
N ILE A 46 1.95 -7.06 -16.13
CA ILE A 46 2.85 -7.95 -16.86
C ILE A 46 3.69 -7.41 -17.97
N MET A 47 3.63 -6.10 -18.19
CA MET A 47 4.48 -5.52 -19.19
C MET A 47 5.53 -4.62 -18.59
N LYS A 48 5.67 -4.67 -17.27
CA LYS A 48 6.68 -3.88 -16.60
C LYS A 48 8.03 -4.55 -16.85
N MET A 49 9.13 -3.82 -16.66
CA MET A 49 10.51 -4.28 -16.94
C MET A 49 10.96 -5.72 -16.64
N SER A 50 10.92 -6.15 -15.39
CA SER A 50 11.36 -7.50 -15.08
C SER A 50 10.48 -8.54 -15.73
N TYR A 51 9.25 -8.23 -16.13
CA TYR A 51 8.44 -9.28 -16.74
C TYR A 51 8.87 -9.68 -18.13
N MET A 52 9.79 -8.89 -18.71
CA MET A 52 10.29 -9.17 -20.03
C MET A 52 11.45 -10.18 -20.00
N TYR A 53 11.82 -10.66 -18.82
CA TYR A 53 12.96 -11.58 -18.65
C TYR A 53 12.74 -12.84 -17.82
N SER A 54 13.51 -13.86 -18.14
CA SER A 54 13.55 -15.12 -17.40
C SER A 54 15.04 -15.18 -17.01
N GLY A 55 15.36 -14.73 -15.80
CA GLY A 55 16.76 -14.70 -15.45
C GLY A 55 17.42 -13.53 -16.20
N SER A 56 18.30 -13.84 -17.14
CA SER A 56 19.00 -12.80 -17.91
C SER A 56 18.64 -12.84 -19.39
N ASN A 57 17.73 -13.74 -19.76
CA ASN A 57 17.29 -13.89 -21.14
C ASN A 57 15.93 -13.24 -21.27
N PHE A 58 15.60 -12.73 -22.45
CA PHE A 58 14.29 -12.12 -22.65
C PHE A 58 13.25 -13.22 -22.77
N SER A 59 12.05 -12.97 -22.25
CA SER A 59 10.97 -13.94 -22.32
C SER A 59 9.71 -13.15 -22.53
N PHE A 60 9.16 -13.29 -23.74
CA PHE A 60 7.96 -12.56 -24.10
C PHE A 60 6.72 -13.38 -24.15
N THR A 61 6.80 -14.65 -23.71
CA THR A 61 5.66 -15.53 -23.76
C THR A 61 4.39 -15.00 -23.15
N ASN A 62 4.43 -14.59 -21.90
CA ASN A 62 3.17 -14.12 -21.30
C ASN A 62 2.64 -12.86 -21.91
N SER A 63 3.51 -11.87 -22.13
CA SER A 63 3.03 -10.63 -22.72
C SER A 63 2.52 -10.84 -24.14
N ASP A 64 3.12 -11.77 -24.87
CA ASP A 64 2.64 -12.06 -26.21
C ASP A 64 1.22 -12.60 -26.19
N ARG A 65 0.93 -13.44 -25.17
CA ARG A 65 -0.38 -14.05 -25.00
C ARG A 65 -1.43 -12.98 -24.83
N LEU A 66 -1.07 -11.93 -24.06
CA LEU A 66 -1.96 -10.78 -23.78
C LEU A 66 -2.13 -9.90 -25.01
N VAL A 67 -1.03 -9.60 -25.70
CA VAL A 67 -1.09 -8.76 -26.90
C VAL A 67 -1.95 -9.43 -27.97
N SER A 68 -1.74 -10.74 -28.09
CA SER A 68 -2.47 -11.57 -29.03
C SER A 68 -3.97 -11.58 -28.66
N TRP A 69 -4.29 -11.73 -27.37
CA TRP A 69 -5.69 -11.70 -26.94
C TRP A 69 -6.36 -10.34 -27.30
N ALA A 70 -5.63 -9.26 -27.09
CA ALA A 70 -6.17 -7.93 -27.38
C ALA A 70 -6.55 -7.88 -28.84
N ALA A 71 -5.61 -8.23 -29.72
CA ALA A 71 -5.83 -8.19 -31.14
C ALA A 71 -7.04 -8.99 -31.62
N GLN A 72 -7.30 -10.13 -30.99
CA GLN A 72 -8.42 -10.97 -31.37
C GLN A 72 -9.70 -10.48 -30.76
N ASN A 73 -9.60 -9.53 -29.86
CA ASN A 73 -10.81 -9.02 -29.24
C ASN A 73 -11.11 -7.54 -29.47
N GLY A 74 -10.59 -7.01 -30.60
CA GLY A 74 -10.80 -5.62 -30.98
C GLY A 74 -10.22 -4.54 -30.09
N GLN A 75 -9.06 -4.79 -29.51
CA GLN A 75 -8.40 -3.83 -28.63
C GLN A 75 -7.00 -3.52 -29.11
N THR A 76 -6.62 -2.26 -29.05
CA THR A 76 -5.26 -1.87 -29.39
C THR A 76 -4.55 -2.01 -28.04
N VAL A 77 -3.24 -1.79 -28.02
CA VAL A 77 -2.51 -1.95 -26.77
C VAL A 77 -1.55 -0.81 -26.46
N HIS A 78 -1.62 -0.33 -25.23
CA HIS A 78 -0.72 0.69 -24.77
C HIS A 78 0.29 -0.04 -23.86
N GLY A 79 1.57 0.15 -24.15
CA GLY A 79 2.60 -0.50 -23.37
C GLY A 79 2.99 0.30 -22.14
N HIS A 80 2.95 -0.38 -20.99
CA HIS A 80 3.27 0.24 -19.70
C HIS A 80 4.21 -0.73 -19.04
N ALA A 81 5.52 -0.46 -18.98
CA ALA A 81 6.22 0.71 -19.50
C ALA A 81 7.67 0.28 -19.86
N LEU A 82 8.36 1.02 -20.73
CA LEU A 82 9.72 0.68 -21.11
C LEU A 82 10.73 0.91 -19.98
N VAL A 83 10.63 2.05 -19.34
CA VAL A 83 11.53 2.40 -18.23
C VAL A 83 10.73 2.87 -16.99
N TRP A 84 11.00 2.28 -15.84
CA TRP A 84 10.30 2.65 -14.58
C TRP A 84 11.20 2.23 -13.43
N HIS A 85 11.18 3.01 -12.35
CA HIS A 85 12.10 2.77 -11.25
C HIS A 85 11.93 1.78 -10.10
N PRO A 86 10.71 1.45 -9.68
CA PRO A 86 10.43 0.51 -8.58
C PRO A 86 11.26 -0.75 -8.61
N SER A 87 12.01 -0.97 -7.56
CA SER A 87 12.88 -2.13 -7.43
C SER A 87 12.19 -3.46 -7.67
N TYR A 88 10.94 -3.64 -7.22
CA TYR A 88 10.27 -4.93 -7.42
C TYR A 88 10.25 -5.36 -8.88
N GLN A 89 10.17 -4.40 -9.81
CA GLN A 89 10.14 -4.75 -11.23
C GLN A 89 11.40 -4.45 -12.01
N LEU A 90 12.49 -4.17 -11.31
CA LEU A 90 13.76 -3.86 -11.95
C LEU A 90 14.48 -5.11 -12.49
N PRO A 91 14.89 -5.11 -13.78
CA PRO A 91 15.58 -6.29 -14.28
C PRO A 91 16.85 -6.39 -13.46
N ASN A 92 17.44 -7.58 -13.40
CA ASN A 92 18.64 -7.76 -12.59
C ASN A 92 19.85 -6.94 -12.98
N TRP A 93 19.92 -6.51 -14.23
CA TRP A 93 21.04 -5.69 -14.70
C TRP A 93 20.93 -4.27 -14.19
N ALA A 94 19.71 -3.85 -13.87
CA ALA A 94 19.47 -2.48 -13.39
C ALA A 94 20.05 -2.33 -11.98
N SER A 95 21.36 -2.25 -11.90
CA SER A 95 22.01 -2.11 -10.62
C SER A 95 23.16 -1.08 -10.62
N ASP A 96 23.44 -0.51 -9.45
CA ASP A 96 24.54 0.46 -9.29
C ASP A 96 25.90 -0.28 -9.37
N SER A 97 25.88 -1.61 -9.30
CA SER A 97 27.09 -2.41 -9.37
C SER A 97 27.39 -2.92 -10.77
N ASN A 98 26.45 -2.76 -11.69
CA ASN A 98 26.65 -3.24 -13.06
C ASN A 98 27.40 -2.25 -13.92
N ALA A 99 28.66 -2.55 -14.23
CA ALA A 99 29.48 -1.67 -15.08
C ALA A 99 29.00 -1.62 -16.56
N ASN A 100 28.14 -2.55 -16.94
CA ASN A 100 27.60 -2.58 -18.28
C ASN A 100 26.20 -2.00 -18.35
N PHE A 101 25.84 -1.20 -17.35
CA PHE A 101 24.52 -0.61 -17.29
C PHE A 101 23.98 0.07 -18.55
N ARG A 102 24.74 1.01 -19.12
CA ARG A 102 24.32 1.73 -20.32
C ARG A 102 24.11 0.82 -21.50
N GLN A 103 24.89 -0.25 -21.56
CA GLN A 103 24.74 -1.20 -22.64
C GLN A 103 23.49 -2.08 -22.43
N ASP A 104 23.25 -2.48 -21.17
CA ASP A 104 22.10 -3.32 -20.86
C ASP A 104 20.79 -2.53 -20.99
N PHE A 105 20.88 -1.24 -20.66
CA PHE A 105 19.77 -0.30 -20.75
C PHE A 105 19.37 -0.24 -22.25
N ALA A 106 20.36 0.05 -23.10
CA ALA A 106 20.12 0.15 -24.52
C ALA A 106 19.52 -1.16 -25.07
N ARG A 107 20.06 -2.30 -24.67
CA ARG A 107 19.58 -3.60 -25.13
C ARG A 107 18.10 -3.80 -24.76
N HIS A 108 17.76 -3.37 -23.54
CA HIS A 108 16.37 -3.50 -23.08
C HIS A 108 15.39 -2.82 -24.03
N ILE A 109 15.58 -1.52 -24.26
CA ILE A 109 14.74 -0.71 -25.16
C ILE A 109 14.71 -1.21 -26.60
N ASP A 110 15.90 -1.44 -27.16
CA ASP A 110 16.07 -1.92 -28.54
C ASP A 110 15.24 -3.17 -28.76
N THR A 111 15.44 -4.14 -27.85
CA THR A 111 14.77 -5.43 -27.90
C THR A 111 13.26 -5.47 -27.67
N VAL A 112 12.76 -4.89 -26.59
CA VAL A 112 11.33 -5.01 -26.39
C VAL A 112 10.51 -4.13 -27.32
N ALA A 113 11.06 -2.97 -27.71
CA ALA A 113 10.32 -2.06 -28.60
C ALA A 113 10.21 -2.63 -29.99
N ALA A 114 11.29 -3.29 -30.41
CA ALA A 114 11.35 -3.94 -31.70
C ALA A 114 10.49 -5.19 -31.63
N HIS A 115 10.57 -5.93 -30.51
CA HIS A 115 9.81 -7.16 -30.42
C HIS A 115 8.34 -6.95 -30.69
N PHE A 116 7.77 -5.90 -30.09
CA PHE A 116 6.33 -5.57 -30.22
C PHE A 116 6.02 -4.55 -31.28
N ALA A 117 7.01 -4.20 -32.09
CA ALA A 117 6.91 -3.17 -33.13
C ALA A 117 5.58 -2.85 -33.84
N GLY A 118 4.92 -3.84 -34.41
CA GLY A 118 3.69 -3.51 -35.07
C GLY A 118 2.44 -3.91 -34.32
N GLN A 119 2.60 -4.37 -33.09
CA GLN A 119 1.47 -4.87 -32.29
C GLN A 119 1.00 -3.94 -31.15
N VAL A 120 1.82 -2.95 -30.80
CA VAL A 120 1.54 -1.98 -29.73
C VAL A 120 1.33 -0.59 -30.30
N LYS A 121 0.17 0.01 -30.06
CA LYS A 121 -0.11 1.34 -30.58
C LYS A 121 0.73 2.50 -29.98
N SER A 122 0.99 2.46 -28.68
CA SER A 122 1.76 3.51 -28.02
C SER A 122 2.48 2.95 -26.81
N TRP A 123 3.45 3.70 -26.28
CA TRP A 123 4.25 3.28 -25.13
C TRP A 123 4.50 4.36 -24.09
N ASP A 124 4.48 3.97 -22.81
CA ASP A 124 4.86 4.83 -21.71
C ASP A 124 6.35 4.57 -21.83
N VAL A 125 7.05 5.47 -22.51
CA VAL A 125 8.48 5.27 -22.69
C VAL A 125 9.22 5.39 -21.36
N VAL A 126 8.97 6.47 -20.65
CA VAL A 126 9.58 6.65 -19.34
C VAL A 126 8.40 7.00 -18.46
N ASN A 127 8.35 6.35 -17.30
CA ASN A 127 7.28 6.56 -16.35
C ASN A 127 7.78 7.00 -14.97
N GLU A 128 7.24 8.10 -14.49
CA GLU A 128 7.58 8.62 -13.17
C GLU A 128 9.02 9.00 -12.89
N ALA A 129 9.58 9.85 -13.78
CA ALA A 129 10.97 10.36 -13.67
C ALA A 129 11.09 11.62 -12.81
N LEU A 130 9.98 12.33 -12.67
CA LEU A 130 9.92 13.54 -11.88
C LEU A 130 9.97 13.20 -10.41
N PHE A 131 10.68 13.99 -9.62
CA PHE A 131 10.76 13.78 -8.20
C PHE A 131 9.39 14.07 -7.65
N ASP A 132 9.07 13.39 -6.55
CA ASP A 132 7.78 13.56 -5.85
C ASP A 132 8.00 13.37 -4.35
N SER A 133 7.76 14.43 -3.59
CA SER A 133 7.91 14.44 -2.11
C SER A 133 7.23 13.26 -1.36
N ALA A 134 6.15 12.75 -1.95
CA ALA A 134 5.35 11.67 -1.38
C ALA A 134 5.68 10.28 -1.86
N ASP A 135 6.81 10.10 -2.51
CA ASP A 135 7.14 8.80 -3.04
C ASP A 135 8.59 8.85 -3.46
N ASP A 136 9.50 8.94 -2.50
CA ASP A 136 10.91 8.97 -2.87
C ASP A 136 11.64 7.83 -2.16
N PRO A 137 11.43 6.60 -2.67
CA PRO A 137 12.05 5.41 -2.10
C PRO A 137 13.58 5.45 -2.26
N ASP A 138 14.09 6.13 -3.28
CA ASP A 138 15.53 6.22 -3.44
C ASP A 138 16.15 6.99 -2.25
N GLY A 139 15.34 7.83 -1.62
CA GLY A 139 15.77 8.62 -0.46
C GLY A 139 16.76 9.75 -0.71
N ARG A 140 17.08 10.02 -1.98
CA ARG A 140 18.07 11.05 -2.36
C ARG A 140 17.61 12.50 -2.51
N GLY A 141 16.30 12.74 -2.51
CA GLY A 141 15.80 14.11 -2.64
C GLY A 141 15.73 14.54 -4.10
N SER A 142 15.25 15.75 -4.36
CA SER A 142 15.12 16.23 -5.73
C SER A 142 16.44 16.65 -6.39
N ALA A 143 16.64 16.24 -7.65
CA ALA A 143 17.83 16.64 -8.40
C ALA A 143 17.29 17.57 -9.49
N ASN A 144 17.02 18.84 -9.13
CA ASN A 144 16.48 19.82 -10.08
C ASN A 144 15.12 19.37 -10.64
N GLY A 145 14.29 18.81 -9.76
CA GLY A 145 12.98 18.33 -10.16
C GLY A 145 12.87 16.85 -10.53
N TYR A 146 14.03 16.23 -10.73
CA TYR A 146 14.10 14.83 -11.10
C TYR A 146 14.29 13.89 -9.90
N ARG A 147 13.78 12.69 -10.09
CA ARG A 147 13.84 11.61 -9.12
C ARG A 147 15.18 10.97 -9.41
N GLN A 148 15.95 10.74 -8.33
CA GLN A 148 17.30 10.13 -8.46
C GLN A 148 17.28 8.59 -8.43
N SER A 149 16.65 7.99 -9.44
CA SER A 149 16.55 6.53 -9.53
C SER A 149 17.83 5.94 -10.11
N VAL A 150 17.96 4.61 -10.22
CA VAL A 150 19.20 4.05 -10.77
C VAL A 150 19.52 4.67 -12.11
N PHE A 151 18.50 4.80 -12.94
CA PHE A 151 18.70 5.33 -14.26
C PHE A 151 19.29 6.71 -14.25
N TYR A 152 18.83 7.56 -13.34
CA TYR A 152 19.35 8.90 -13.25
C TYR A 152 20.78 8.81 -12.77
N ARG A 153 21.02 8.01 -11.74
CA ARG A 153 22.36 7.86 -11.19
C ARG A 153 23.42 7.35 -12.14
N GLN A 154 23.07 6.28 -12.87
CA GLN A 154 23.96 5.65 -13.83
C GLN A 154 24.30 6.53 -15.00
N PHE A 155 23.34 7.33 -15.44
CA PHE A 155 23.58 8.21 -16.56
C PHE A 155 24.13 9.57 -16.14
N GLY A 156 24.15 9.80 -14.82
CA GLY A 156 24.65 11.05 -14.27
C GLY A 156 23.75 12.23 -14.58
N GLY A 157 22.47 11.98 -14.81
CA GLY A 157 21.54 13.05 -15.12
C GLY A 157 20.31 12.57 -15.87
N PRO A 158 19.44 13.49 -16.34
CA PRO A 158 18.23 13.12 -17.07
C PRO A 158 18.41 12.69 -18.53
N GLU A 159 19.65 12.54 -18.99
CA GLU A 159 19.85 12.14 -20.39
C GLU A 159 19.34 10.73 -20.71
N TYR A 160 19.14 9.90 -19.67
CA TYR A 160 18.63 8.56 -19.93
C TYR A 160 17.24 8.67 -20.59
N ILE A 161 16.54 9.78 -20.31
CA ILE A 161 15.22 10.04 -20.87
C ILE A 161 15.29 10.29 -22.39
N ASP A 162 16.25 11.13 -22.81
CA ASP A 162 16.42 11.42 -24.25
C ASP A 162 16.77 10.14 -24.96
N GLU A 163 17.66 9.38 -24.35
CA GLU A 163 18.09 8.13 -24.94
C GLU A 163 16.96 7.12 -25.11
N ALA A 164 16.11 6.96 -24.08
CA ALA A 164 15.00 6.02 -24.16
C ALA A 164 14.09 6.34 -25.33
N PHE A 165 13.77 7.63 -25.49
CA PHE A 165 12.90 8.02 -26.58
C PHE A 165 13.56 7.80 -27.93
N ARG A 166 14.79 8.24 -28.11
CA ARG A 166 15.48 8.06 -29.39
C ARG A 166 15.51 6.57 -29.79
N ARG A 167 15.85 5.75 -28.80
CA ARG A 167 15.95 4.29 -28.93
C ARG A 167 14.63 3.63 -29.34
N ALA A 168 13.55 4.02 -28.67
CA ALA A 168 12.21 3.53 -28.93
C ALA A 168 11.73 3.92 -30.35
N ARG A 169 11.94 5.18 -30.73
CA ARG A 169 11.54 5.69 -32.04
C ARG A 169 12.19 4.87 -33.15
N ALA A 170 13.50 4.65 -33.03
CA ALA A 170 14.23 3.87 -34.03
C ALA A 170 13.76 2.44 -34.11
N ALA A 171 13.58 1.77 -32.98
CA ALA A 171 13.14 0.38 -33.02
C ALA A 171 11.72 0.23 -33.55
N ASP A 172 10.85 1.22 -33.30
CA ASP A 172 9.46 1.17 -33.77
C ASP A 172 9.00 2.55 -34.16
N PRO A 173 9.18 2.90 -35.43
CA PRO A 173 8.81 4.20 -35.98
C PRO A 173 7.32 4.47 -36.01
N THR A 174 6.49 3.46 -35.74
CA THR A 174 5.02 3.62 -35.76
C THR A 174 4.34 3.87 -34.39
N ALA A 175 5.03 3.56 -33.30
CA ALA A 175 4.43 3.71 -31.99
C ALA A 175 4.41 5.13 -31.47
N GLU A 176 3.28 5.54 -30.88
CA GLU A 176 3.17 6.87 -30.27
C GLU A 176 4.00 6.76 -28.98
N LEU A 177 4.95 7.66 -28.76
CA LEU A 177 5.81 7.64 -27.59
C LEU A 177 5.40 8.66 -26.52
N TYR A 178 5.09 8.17 -25.32
CA TYR A 178 4.65 9.04 -24.26
C TYR A 178 5.53 9.10 -23.03
N TYR A 179 5.50 10.24 -22.37
CA TYR A 179 6.17 10.39 -21.10
C TYR A 179 4.91 10.34 -20.17
N ASN A 180 4.97 9.55 -19.11
CA ASN A 180 3.79 9.43 -18.24
C ASN A 180 4.22 9.73 -16.81
N ASP A 181 3.30 10.20 -15.96
CA ASP A 181 3.65 10.49 -14.55
C ASP A 181 2.39 10.83 -13.76
N PHE A 182 2.50 10.84 -12.43
CA PHE A 182 1.35 11.14 -11.57
C PHE A 182 1.53 12.43 -10.79
N ASN A 183 0.40 13.03 -10.37
CA ASN A 183 0.39 14.29 -9.60
C ASN A 183 0.64 15.56 -10.40
N THR A 184 0.96 15.39 -11.69
CA THR A 184 1.22 16.54 -12.54
C THR A 184 -0.06 17.28 -12.91
N GLU A 185 -1.18 16.78 -12.41
CA GLU A 185 -2.45 17.42 -12.68
C GLU A 185 -2.77 18.33 -11.54
N GLU A 186 -1.96 18.26 -10.48
CA GLU A 186 -2.18 19.09 -9.30
C GLU A 186 -1.95 20.57 -9.55
N ASN A 187 -1.25 20.87 -10.64
CA ASN A 187 -0.90 22.23 -11.04
C ASN A 187 0.03 22.90 -10.05
N GLY A 188 0.88 22.09 -9.40
CA GLY A 188 1.84 22.63 -8.44
C GLY A 188 3.28 22.50 -8.90
N ALA A 189 4.17 22.26 -7.94
CA ALA A 189 5.61 22.13 -8.22
C ALA A 189 5.94 21.13 -9.30
N LYS A 190 5.31 19.96 -9.18
CA LYS A 190 5.54 18.87 -10.11
C LYS A 190 5.09 19.24 -11.51
N THR A 191 4.01 20.01 -11.59
CA THR A 191 3.51 20.45 -12.90
C THR A 191 4.60 21.31 -13.51
N THR A 192 5.16 22.19 -12.71
CA THR A 192 6.22 23.06 -13.20
C THR A 192 7.39 22.22 -13.74
N ALA A 193 7.85 21.23 -12.94
CA ALA A 193 8.93 20.34 -13.35
C ALA A 193 8.60 19.56 -14.63
N LEU A 194 7.32 19.19 -14.78
CA LEU A 194 6.88 18.48 -15.96
C LEU A 194 7.09 19.40 -17.15
N VAL A 195 6.70 20.66 -17.00
CA VAL A 195 6.84 21.64 -18.07
C VAL A 195 8.29 21.79 -18.51
N ASN A 196 9.20 21.93 -17.54
CA ASN A 196 10.62 22.02 -17.86
C ASN A 196 11.17 20.78 -18.55
N LEU A 197 10.77 19.61 -18.04
CA LEU A 197 11.18 18.32 -18.61
C LEU A 197 10.77 18.24 -20.07
N VAL A 198 9.51 18.56 -20.34
CA VAL A 198 9.00 18.49 -21.70
C VAL A 198 9.69 19.47 -22.62
N GLN A 199 9.88 20.70 -22.12
CA GLN A 199 10.51 21.78 -22.89
C GLN A 199 11.93 21.34 -23.26
N ARG A 200 12.62 20.72 -22.31
CA ARG A 200 14.00 20.26 -22.55
C ARG A 200 14.05 19.24 -23.66
N LEU A 201 13.12 18.29 -23.60
CA LEU A 201 13.05 17.26 -24.59
C LEU A 201 12.82 17.86 -25.97
N LEU A 202 11.92 18.84 -26.08
CA LEU A 202 11.61 19.50 -27.35
C LEU A 202 12.83 20.22 -27.90
N ASN A 203 13.47 20.96 -27.01
CA ASN A 203 14.66 21.73 -27.35
C ASN A 203 15.69 20.80 -27.93
N ASN A 204 15.85 19.63 -27.33
CA ASN A 204 16.84 18.66 -27.81
C ASN A 204 16.46 17.83 -29.03
N GLY A 205 15.29 18.09 -29.60
CA GLY A 205 14.85 17.33 -30.75
C GLY A 205 14.55 15.87 -30.42
N VAL A 206 14.19 15.59 -29.16
CA VAL A 206 13.87 14.21 -28.73
C VAL A 206 12.49 13.84 -29.26
N PRO A 207 12.37 12.67 -29.89
CA PRO A 207 11.08 12.25 -30.42
C PRO A 207 9.98 11.85 -29.43
N ILE A 208 9.43 12.82 -28.71
CA ILE A 208 8.35 12.54 -27.78
C ILE A 208 7.01 12.94 -28.47
N ASP A 209 6.01 12.06 -28.54
CA ASP A 209 4.73 12.37 -29.21
C ASP A 209 3.62 12.84 -28.27
N GLY A 210 3.73 12.51 -26.99
CA GLY A 210 2.69 12.93 -26.08
C GLY A 210 3.05 12.86 -24.62
N VAL A 211 2.16 13.39 -23.79
CA VAL A 211 2.33 13.40 -22.36
C VAL A 211 1.11 12.75 -21.72
N GLY A 212 1.35 11.79 -20.83
CA GLY A 212 0.27 11.12 -20.17
C GLY A 212 0.11 11.63 -18.76
N PHE A 213 -1.15 11.78 -18.36
CA PHE A 213 -1.46 12.18 -17.01
C PHE A 213 -2.11 10.94 -16.46
N GLN A 214 -1.50 10.34 -15.44
CA GLN A 214 -2.08 9.15 -14.82
C GLN A 214 -3.45 9.43 -14.24
N MET A 215 -3.62 10.57 -13.60
CA MET A 215 -4.90 10.97 -13.02
C MET A 215 -5.44 10.16 -11.85
N HIS A 216 -4.61 9.87 -10.84
CA HIS A 216 -5.11 9.10 -9.68
C HIS A 216 -5.66 10.13 -8.71
N VAL A 217 -6.91 10.53 -8.94
CA VAL A 217 -7.50 11.57 -8.11
C VAL A 217 -8.51 11.11 -7.09
N MET A 218 -9.02 12.10 -6.36
CA MET A 218 -10.03 11.90 -5.35
C MET A 218 -11.24 12.70 -5.79
N ASN A 219 -12.37 12.43 -5.16
CA ASN A 219 -13.63 13.08 -5.48
C ASN A 219 -13.51 14.57 -5.38
N ASP A 220 -12.81 15.04 -4.37
CA ASP A 220 -12.71 16.47 -4.21
C ASP A 220 -11.34 17.12 -4.30
N TYR A 221 -10.34 16.39 -4.77
CA TYR A 221 -9.01 16.98 -4.89
C TYR A 221 -8.20 16.28 -5.96
N PRO A 222 -7.46 17.03 -6.79
CA PRO A 222 -7.34 18.50 -6.91
C PRO A 222 -8.57 19.07 -7.59
N SER A 223 -8.78 20.38 -7.51
CA SER A 223 -9.97 21.02 -8.14
C SER A 223 -9.87 20.92 -9.67
N ILE A 224 -10.99 20.87 -10.41
CA ILE A 224 -10.85 20.75 -11.88
C ILE A 224 -10.20 21.98 -12.42
N ALA A 225 -10.30 23.08 -11.69
CA ALA A 225 -9.70 24.30 -12.17
C ALA A 225 -8.17 24.10 -12.33
N ASN A 226 -7.56 23.39 -11.40
CA ASN A 226 -6.13 23.07 -11.42
C ASN A 226 -5.80 21.99 -12.48
N ILE A 227 -6.64 20.96 -12.55
CA ILE A 227 -6.47 19.91 -13.51
C ILE A 227 -6.50 20.55 -14.93
N ARG A 228 -7.46 21.45 -15.16
CA ARG A 228 -7.62 22.17 -16.42
C ARG A 228 -6.35 22.88 -16.79
N GLN A 229 -5.88 23.75 -15.89
CA GLN A 229 -4.68 24.52 -16.15
C GLN A 229 -3.47 23.68 -16.44
N ALA A 230 -3.17 22.70 -15.58
CA ALA A 230 -2.02 21.82 -15.76
C ALA A 230 -2.04 21.19 -17.17
N MET A 231 -3.23 20.82 -17.64
CA MET A 231 -3.33 20.25 -18.97
C MET A 231 -3.10 21.33 -20.01
N GLN A 232 -3.63 22.52 -19.71
CA GLN A 232 -3.47 23.64 -20.60
C GLN A 232 -2.01 23.95 -20.83
N LYS A 233 -1.26 24.09 -19.75
CA LYS A 233 0.16 24.40 -19.87
C LYS A 233 0.91 23.46 -20.83
N ILE A 234 0.66 22.16 -20.73
CA ILE A 234 1.35 21.22 -21.60
C ILE A 234 0.85 21.40 -23.04
N VAL A 235 -0.46 21.50 -23.22
CA VAL A 235 -1.05 21.64 -24.55
C VAL A 235 -0.39 22.79 -25.31
N ALA A 236 -0.08 23.86 -24.57
CA ALA A 236 0.52 25.07 -25.10
C ALA A 236 1.97 24.98 -25.53
N LEU A 237 2.71 23.97 -25.06
CA LEU A 237 4.12 23.79 -25.39
C LEU A 237 4.47 23.40 -26.82
N SER A 238 3.51 22.92 -27.59
CA SER A 238 3.78 22.50 -28.96
C SER A 238 2.43 22.38 -29.64
N PRO A 239 2.39 22.53 -30.96
CA PRO A 239 1.15 22.44 -31.72
C PRO A 239 0.73 21.02 -32.11
N THR A 240 1.52 20.04 -31.71
CA THR A 240 1.24 18.66 -32.09
C THR A 240 1.20 17.60 -30.98
N LEU A 241 1.84 17.93 -29.86
CA LEU A 241 1.92 17.10 -28.66
C LEU A 241 0.55 16.52 -28.24
N LYS A 242 0.45 15.21 -28.10
CA LYS A 242 -0.81 14.64 -27.68
C LYS A 242 -0.88 14.51 -26.17
N ILE A 243 -2.11 14.52 -25.64
CA ILE A 243 -2.37 14.38 -24.22
C ILE A 243 -3.17 13.08 -24.05
N LYS A 244 -2.78 12.26 -23.07
CA LYS A 244 -3.45 10.98 -22.84
C LYS A 244 -3.66 10.79 -21.35
N ILE A 245 -4.89 10.46 -20.96
CA ILE A 245 -5.18 10.19 -19.55
C ILE A 245 -4.93 8.68 -19.49
N THR A 246 -3.88 8.32 -18.79
CA THR A 246 -3.43 6.95 -18.73
C THR A 246 -3.93 6.01 -17.63
N CYS A 247 -4.09 6.49 -16.41
CA CYS A 247 -4.53 5.61 -15.33
C CYS A 247 -5.63 6.19 -14.46
N LEU A 248 -6.68 6.71 -15.05
CA LEU A 248 -7.74 7.30 -14.27
C LEU A 248 -8.49 6.40 -13.24
N ASP A 249 -8.60 6.89 -12.02
CA ASP A 249 -9.39 6.25 -10.99
C ASP A 249 -9.80 7.33 -9.98
N VAL A 250 -10.93 7.16 -9.30
CA VAL A 250 -11.43 8.20 -8.39
C VAL A 250 -11.78 7.73 -6.98
N ARG A 251 -10.97 8.10 -5.98
CA ARG A 251 -11.24 7.68 -4.60
C ARG A 251 -12.30 8.49 -3.90
N LEU A 252 -13.26 7.84 -3.26
CA LEU A 252 -14.26 8.60 -2.54
C LEU A 252 -13.70 9.11 -1.20
N ASN A 253 -12.70 8.40 -0.65
CA ASN A 253 -12.08 8.76 0.64
C ASN A 253 -10.81 9.54 0.48
N ASN A 254 -10.72 10.71 1.13
CA ASN A 254 -9.49 11.54 1.11
C ASN A 254 -9.00 11.55 2.56
N PRO A 255 -7.94 10.79 2.83
CA PRO A 255 -7.31 10.61 4.13
C PRO A 255 -6.23 11.66 4.51
N TYR A 256 -6.06 12.66 3.64
CA TYR A 256 -5.10 13.74 3.87
C TYR A 256 -5.79 15.09 4.17
N ASP A 257 -7.12 15.11 4.14
CA ASP A 257 -7.87 16.31 4.41
C ASP A 257 -7.88 16.78 5.89
N GLY A 258 -7.43 15.92 6.81
CA GLY A 258 -7.43 16.29 8.21
C GLY A 258 -8.81 16.29 8.83
N ASN A 259 -9.76 15.65 8.14
CA ASN A 259 -11.13 15.51 8.61
C ASN A 259 -11.37 14.03 8.47
N SER A 260 -11.49 13.35 9.61
CA SER A 260 -11.76 11.93 9.62
C SER A 260 -13.28 11.67 9.75
N SER A 261 -14.08 12.74 9.89
CA SER A 261 -15.52 12.61 10.02
C SER A 261 -16.26 12.39 8.70
N ASN A 262 -15.57 12.69 7.60
CA ASN A 262 -16.12 12.51 6.27
C ASN A 262 -15.63 11.27 5.50
N ASP A 263 -15.03 10.32 6.22
CA ASP A 263 -14.49 9.07 5.65
C ASP A 263 -15.43 7.88 5.77
N TYR A 264 -15.61 7.13 4.68
CA TYR A 264 -16.44 5.93 4.70
C TYR A 264 -15.51 4.84 5.19
N THR A 265 -15.73 4.33 6.40
CA THR A 265 -14.86 3.29 6.99
C THR A 265 -15.35 1.81 6.99
N ASN A 266 -16.48 1.57 6.32
CA ASN A 266 -17.07 0.27 6.25
C ASN A 266 -17.31 -0.11 4.80
N ARG A 267 -17.02 -1.35 4.46
CA ARG A 267 -17.20 -1.86 3.10
C ARG A 267 -18.65 -1.71 2.60
N ASN A 268 -19.61 -1.71 3.53
CA ASN A 268 -21.02 -1.62 3.19
C ASN A 268 -21.52 -0.23 2.90
N ASP A 269 -20.82 0.78 3.38
CA ASP A 269 -21.21 2.18 3.19
C ASP A 269 -21.60 2.55 1.76
N CYS A 270 -20.75 2.22 0.78
CA CYS A 270 -21.05 2.57 -0.59
C CYS A 270 -21.10 1.35 -1.49
N ALA A 271 -21.64 0.29 -0.94
CA ALA A 271 -21.79 -0.92 -1.69
C ALA A 271 -22.98 -0.79 -2.66
N VAL A 272 -24.00 -0.01 -2.27
CA VAL A 272 -25.19 0.17 -3.10
C VAL A 272 -25.42 1.64 -3.45
N SER A 273 -25.58 2.45 -2.42
CA SER A 273 -25.81 3.86 -2.61
C SER A 273 -25.25 4.68 -1.47
N CYS A 274 -24.64 5.81 -1.81
CA CYS A 274 -24.08 6.74 -0.84
C CYS A 274 -23.66 8.01 -1.60
N ALA A 275 -23.70 9.13 -0.91
CA ALA A 275 -23.36 10.44 -1.46
C ALA A 275 -22.08 10.43 -2.29
N GLY A 276 -21.05 9.74 -1.80
CA GLY A 276 -19.80 9.68 -2.51
C GLY A 276 -19.94 9.12 -3.92
N LEU A 277 -20.84 8.15 -4.12
CA LEU A 277 -21.06 7.54 -5.43
C LEU A 277 -21.68 8.51 -6.41
N ASP A 278 -22.49 9.41 -5.89
CA ASP A 278 -23.11 10.40 -6.73
C ASP A 278 -22.05 11.44 -7.08
N ARG A 279 -21.25 11.86 -6.09
CA ARG A 279 -20.23 12.85 -6.36
C ARG A 279 -19.22 12.30 -7.37
N GLN A 280 -18.99 10.99 -7.28
CA GLN A 280 -18.06 10.31 -8.19
C GLN A 280 -18.62 10.34 -9.64
N LYS A 281 -19.94 10.37 -9.80
CA LYS A 281 -20.47 10.45 -11.15
C LYS A 281 -20.11 11.82 -11.71
N ALA A 282 -20.28 12.85 -10.90
CA ALA A 282 -19.98 14.21 -11.32
C ALA A 282 -18.50 14.44 -11.55
N ARG A 283 -17.69 13.78 -10.72
CA ARG A 283 -16.24 13.90 -10.77
C ARG A 283 -15.69 13.32 -12.05
N TYR A 284 -16.14 12.12 -12.43
CA TYR A 284 -15.67 11.48 -13.67
C TYR A 284 -16.11 12.35 -14.85
N LYS A 285 -17.35 12.87 -14.76
CA LYS A 285 -17.92 13.69 -15.81
C LYS A 285 -17.12 14.94 -16.04
N GLU A 286 -16.87 15.70 -14.97
CA GLU A 286 -16.17 16.97 -15.08
C GLU A 286 -14.77 16.79 -15.60
N ILE A 287 -14.14 15.66 -15.27
CA ILE A 287 -12.77 15.37 -15.73
C ILE A 287 -12.76 15.13 -17.26
N VAL A 288 -13.60 14.22 -17.72
CA VAL A 288 -13.68 13.95 -19.14
C VAL A 288 -14.04 15.23 -19.90
N GLN A 289 -14.95 16.03 -19.37
CA GLN A 289 -15.34 17.27 -20.01
C GLN A 289 -14.12 18.16 -20.17
N ALA A 290 -13.35 18.30 -19.09
CA ALA A 290 -12.15 19.13 -19.08
C ALA A 290 -11.17 18.64 -20.14
N TYR A 291 -11.07 17.34 -20.30
CA TYR A 291 -10.18 16.76 -21.29
C TYR A 291 -10.65 17.16 -22.68
N LEU A 292 -11.94 17.01 -22.93
CA LEU A 292 -12.52 17.37 -24.20
C LEU A 292 -12.36 18.84 -24.55
N GLU A 293 -12.58 19.72 -23.58
CA GLU A 293 -12.47 21.15 -23.81
C GLU A 293 -11.04 21.70 -23.92
N VAL A 294 -10.11 21.14 -23.17
CA VAL A 294 -8.71 21.60 -23.17
C VAL A 294 -7.84 21.00 -24.27
N VAL A 295 -8.10 19.74 -24.64
CA VAL A 295 -7.29 19.07 -25.69
C VAL A 295 -8.03 19.05 -27.03
N PRO A 296 -7.44 19.67 -28.06
CA PRO A 296 -7.98 19.76 -29.40
C PRO A 296 -8.07 18.41 -30.05
N PRO A 297 -9.10 18.19 -30.88
CA PRO A 297 -9.31 16.92 -31.60
C PRO A 297 -8.07 16.75 -32.44
N GLY A 298 -7.60 15.51 -32.60
CA GLY A 298 -6.39 15.34 -33.35
C GLY A 298 -5.22 15.30 -32.38
N ARG A 299 -5.45 15.72 -31.15
CA ARG A 299 -4.38 15.68 -30.16
C ARG A 299 -4.74 14.83 -28.95
N ARG A 300 -5.84 14.10 -29.10
CA ARG A 300 -6.37 13.24 -28.07
C ARG A 300 -5.85 11.80 -28.07
N GLY A 301 -4.92 11.53 -27.16
CA GLY A 301 -4.32 10.21 -27.02
C GLY A 301 -5.22 9.13 -26.45
N GLY A 302 -6.25 9.54 -25.74
CA GLY A 302 -7.17 8.58 -25.18
C GLY A 302 -7.30 8.74 -23.68
N ILE A 303 -8.30 8.08 -23.13
CA ILE A 303 -8.55 8.09 -21.70
C ILE A 303 -8.57 6.63 -21.32
N THR A 304 -7.81 6.26 -20.31
CA THR A 304 -7.81 4.87 -19.85
C THR A 304 -8.13 4.81 -18.36
N VAL A 305 -9.03 3.91 -18.02
CA VAL A 305 -9.43 3.73 -16.64
C VAL A 305 -8.56 2.60 -16.08
N TRP A 306 -8.01 2.82 -14.89
CA TRP A 306 -7.13 1.84 -14.25
C TRP A 306 -7.80 0.61 -13.60
N GLY A 307 -8.46 -0.20 -14.41
CA GLY A 307 -9.14 -1.39 -13.90
C GLY A 307 -10.59 -1.57 -14.30
N ILE A 308 -11.06 -2.82 -14.27
CA ILE A 308 -12.46 -3.08 -14.64
C ILE A 308 -13.49 -2.84 -13.50
N ALA A 309 -13.44 -3.68 -12.46
CA ALA A 309 -14.37 -3.57 -11.31
C ALA A 309 -13.66 -3.17 -10.05
N ASP A 310 -14.36 -2.45 -9.18
CA ASP A 310 -13.83 -2.01 -7.90
C ASP A 310 -12.89 -3.00 -7.13
N PRO A 311 -13.31 -4.26 -6.93
CA PRO A 311 -12.42 -5.17 -6.21
C PRO A 311 -11.08 -5.45 -6.91
N ASP A 312 -10.98 -5.14 -8.19
CA ASP A 312 -9.73 -5.36 -8.91
C ASP A 312 -8.75 -4.25 -8.64
N SER A 313 -9.29 -3.09 -8.24
CA SER A 313 -8.51 -1.88 -8.03
C SER A 313 -7.42 -1.97 -7.00
N TRP A 314 -6.29 -1.34 -7.30
CA TRP A 314 -5.16 -1.28 -6.37
C TRP A 314 -5.54 -0.44 -5.16
N LEU A 315 -6.58 0.38 -5.34
CA LEU A 315 -7.11 1.29 -4.33
C LEU A 315 -8.41 0.80 -3.72
N TYR A 316 -8.74 -0.47 -3.94
CA TYR A 316 -9.95 -1.06 -3.36
C TYR A 316 -9.86 -0.81 -1.87
N THR A 317 -8.61 -0.82 -1.39
CA THR A 317 -8.22 -0.54 0.00
C THR A 317 -6.98 0.32 -0.07
N HIS A 318 -7.00 1.46 0.62
CA HIS A 318 -5.83 2.34 0.67
C HIS A 318 -5.87 3.09 1.97
N GLN A 319 -4.71 3.21 2.65
CA GLN A 319 -4.60 3.90 3.93
C GLN A 319 -5.52 3.18 4.93
N ASN A 320 -5.68 1.87 4.75
CA ASN A 320 -6.53 1.05 5.60
C ASN A 320 -7.99 1.37 5.57
N LEU A 321 -8.43 2.04 4.50
CA LEU A 321 -9.82 2.42 4.33
C LEU A 321 -10.31 1.75 3.06
N PRO A 322 -11.62 1.51 2.99
CA PRO A 322 -12.17 0.86 1.79
C PRO A 322 -12.46 1.93 0.73
N ASP A 323 -12.42 1.54 -0.53
CA ASP A 323 -12.78 2.48 -1.57
C ASP A 323 -13.41 1.80 -2.76
N TRP A 324 -14.10 2.59 -3.56
CA TRP A 324 -14.85 2.10 -4.70
C TRP A 324 -14.45 2.99 -5.87
N PRO A 325 -13.23 2.91 -6.36
CA PRO A 325 -12.67 3.73 -7.44
C PRO A 325 -13.00 3.62 -8.93
N LEU A 326 -13.65 2.52 -9.35
CA LEU A 326 -13.92 2.34 -10.77
C LEU A 326 -15.34 2.47 -11.28
N LEU A 327 -15.52 2.17 -12.56
CA LEU A 327 -16.83 2.31 -13.17
C LEU A 327 -17.76 1.15 -12.89
N PHE A 328 -17.23 -0.03 -12.65
CA PHE A 328 -18.08 -1.19 -12.38
C PHE A 328 -17.94 -1.64 -10.93
N ASN A 329 -19.07 -1.92 -10.27
CA ASN A 329 -19.05 -2.34 -8.87
C ASN A 329 -18.60 -3.76 -8.63
N ASP A 330 -18.80 -4.24 -7.40
CA ASP A 330 -18.42 -5.56 -6.96
C ASP A 330 -19.07 -6.68 -7.69
N ASN A 331 -20.23 -6.41 -8.27
CA ASN A 331 -20.98 -7.43 -9.02
C ASN A 331 -20.87 -7.24 -10.51
N LEU A 332 -19.91 -6.42 -10.94
CA LEU A 332 -19.74 -6.12 -12.36
C LEU A 332 -20.88 -5.38 -13.02
N GLN A 333 -21.61 -4.60 -12.22
CA GLN A 333 -22.70 -3.77 -12.71
C GLN A 333 -22.21 -2.30 -12.86
N PRO A 334 -22.71 -1.60 -13.87
CA PRO A 334 -22.26 -0.22 -14.02
C PRO A 334 -22.69 0.70 -12.86
N LYS A 335 -21.80 1.58 -12.41
CA LYS A 335 -22.11 2.50 -11.32
C LYS A 335 -22.46 3.89 -11.91
N PRO A 336 -22.90 4.81 -11.04
CA PRO A 336 -23.22 6.15 -11.54
C PRO A 336 -22.01 6.77 -12.28
N ALA A 337 -20.80 6.35 -11.89
CA ALA A 337 -19.56 6.83 -12.52
C ALA A 337 -19.57 6.56 -14.01
N TYR A 338 -20.21 5.45 -14.38
CA TYR A 338 -20.32 5.05 -15.78
C TYR A 338 -21.16 6.07 -16.56
N GLN A 339 -22.26 6.49 -15.94
CA GLN A 339 -23.18 7.45 -16.53
C GLN A 339 -22.52 8.80 -16.69
N GLY A 340 -21.70 9.18 -15.72
CA GLY A 340 -20.99 10.45 -15.81
C GLY A 340 -20.13 10.45 -17.05
N VAL A 341 -19.48 9.31 -17.33
CA VAL A 341 -18.60 9.19 -18.50
C VAL A 341 -19.39 9.27 -19.80
N VAL A 342 -20.49 8.54 -19.85
CA VAL A 342 -21.39 8.51 -21.01
C VAL A 342 -21.87 9.93 -21.31
N GLU A 343 -22.37 10.64 -20.29
CA GLU A 343 -22.83 12.03 -20.46
C GLU A 343 -21.73 12.99 -20.93
N ALA A 344 -20.54 12.91 -20.35
CA ALA A 344 -19.46 13.79 -20.76
C ALA A 344 -19.13 13.51 -22.23
N LEU A 345 -18.96 12.24 -22.59
CA LEU A 345 -18.61 11.85 -23.98
C LEU A 345 -19.67 12.25 -25.01
N SER A 346 -20.93 12.32 -24.57
CA SER A 346 -22.08 12.70 -25.42
C SER A 346 -22.43 14.19 -25.29
N GLY A 347 -23.45 14.52 -24.49
CA GLY A 347 -23.86 15.91 -24.34
C GLY A 347 -24.62 16.14 -23.04
N GLY B 2 -6.37 -26.45 20.42
CA GLY B 2 -5.71 -25.57 19.44
C GLY B 2 -4.40 -24.97 19.92
N LEU B 3 -3.91 -23.96 19.20
CA LEU B 3 -2.68 -23.27 19.55
C LEU B 3 -2.68 -22.75 20.95
N ALA B 4 -3.73 -22.07 21.39
CA ALA B 4 -3.77 -21.54 22.74
C ALA B 4 -3.55 -22.55 23.88
N SER B 5 -3.89 -23.81 23.63
CA SER B 5 -3.75 -24.87 24.61
C SER B 5 -2.33 -25.33 24.79
N LEU B 6 -1.43 -24.91 23.92
CA LEU B 6 -0.04 -25.34 24.03
C LEU B 6 0.86 -24.33 24.74
N ALA B 7 0.33 -23.17 25.12
CA ALA B 7 1.15 -22.16 25.76
C ALA B 7 0.48 -21.58 27.00
N ASP B 8 1.28 -20.97 27.88
CA ASP B 8 0.72 -20.41 29.09
C ASP B 8 0.65 -18.89 29.09
N PHE B 9 0.82 -18.32 27.90
CA PHE B 9 0.74 -16.88 27.67
C PHE B 9 -0.24 -16.77 26.49
N PRO B 10 -0.80 -15.58 26.26
CA PRO B 10 -1.74 -15.35 25.16
C PRO B 10 -1.24 -15.72 23.76
N ILE B 11 -2.14 -16.35 23.01
CA ILE B 11 -1.90 -16.70 21.62
C ILE B 11 -3.09 -16.00 20.94
N GLY B 12 -2.83 -14.86 20.30
CA GLY B 12 -3.91 -14.11 19.70
C GLY B 12 -3.89 -13.94 18.21
N VAL B 13 -4.91 -13.25 17.70
CA VAL B 13 -5.07 -12.98 16.27
C VAL B 13 -5.80 -11.66 16.11
N ALA B 14 -5.54 -10.97 15.00
CA ALA B 14 -6.19 -9.69 14.72
C ALA B 14 -7.51 -9.98 14.01
N VAL B 15 -8.55 -9.20 14.33
CA VAL B 15 -9.84 -9.41 13.69
C VAL B 15 -10.41 -8.19 12.95
N ALA B 16 -10.98 -8.50 11.78
CA ALA B 16 -11.55 -7.47 10.98
C ALA B 16 -12.97 -7.25 11.50
N ALA B 17 -13.50 -6.05 11.40
CA ALA B 17 -14.84 -5.84 11.86
C ALA B 17 -15.38 -4.68 11.07
N SER B 18 -15.01 -4.59 9.78
CA SER B 18 -15.48 -3.47 8.94
C SER B 18 -16.25 -3.83 7.68
N GLY B 19 -17.02 -4.93 7.76
CA GLY B 19 -17.80 -5.43 6.64
C GLY B 19 -16.84 -6.26 5.82
N GLY B 20 -17.29 -6.88 4.74
CA GLY B 20 -16.36 -7.64 3.93
C GLY B 20 -16.33 -9.09 4.30
N ASN B 21 -15.51 -9.88 3.62
CA ASN B 21 -15.46 -11.32 3.92
C ASN B 21 -14.78 -11.67 5.23
N ALA B 22 -13.84 -10.84 5.65
CA ALA B 22 -13.10 -11.09 6.87
C ALA B 22 -13.81 -10.64 8.13
N ASP B 23 -14.91 -9.89 7.99
CA ASP B 23 -15.64 -9.37 9.15
C ASP B 23 -15.93 -10.54 10.11
N ILE B 24 -15.46 -10.41 11.36
CA ILE B 24 -15.61 -11.42 12.43
C ILE B 24 -17.04 -11.69 12.87
N PHE B 25 -17.88 -10.65 12.83
CA PHE B 25 -19.29 -10.77 13.22
C PHE B 25 -20.12 -11.44 12.16
N THR B 26 -19.60 -11.48 10.94
CA THR B 26 -20.28 -12.04 9.78
C THR B 26 -19.80 -13.42 9.33
N SER B 27 -18.54 -13.75 9.59
CA SER B 27 -18.01 -15.04 9.17
C SER B 27 -17.98 -16.03 10.32
N SER B 28 -18.91 -16.97 10.33
CA SER B 28 -18.95 -17.96 11.39
C SER B 28 -17.72 -18.88 11.29
N ALA B 29 -17.26 -19.14 10.06
CA ALA B 29 -16.08 -19.98 9.92
C ALA B 29 -14.91 -19.30 10.63
N ARG B 30 -14.86 -17.98 10.56
CA ARG B 30 -13.77 -17.28 11.21
C ARG B 30 -13.91 -17.37 12.72
N GLN B 31 -15.13 -17.18 13.20
CA GLN B 31 -15.42 -17.26 14.61
C GLN B 31 -15.03 -18.62 15.17
N ASN B 32 -15.24 -19.68 14.38
CA ASN B 32 -14.89 -21.03 14.82
C ASN B 32 -13.36 -21.22 14.95
N ILE B 33 -12.61 -20.57 14.07
CA ILE B 33 -11.17 -20.69 14.14
C ILE B 33 -10.68 -19.96 15.39
N VAL B 34 -11.22 -18.77 15.62
CA VAL B 34 -10.83 -17.99 16.77
C VAL B 34 -11.11 -18.76 18.07
N ARG B 35 -12.31 -19.32 18.16
CA ARG B 35 -12.75 -20.08 19.32
C ARG B 35 -11.91 -21.32 19.57
N ALA B 36 -11.43 -21.92 18.50
CA ALA B 36 -10.65 -23.14 18.58
C ALA B 36 -9.17 -23.00 18.74
N GLU B 37 -8.61 -21.88 18.27
CA GLU B 37 -7.17 -21.71 18.28
C GLU B 37 -6.58 -20.61 19.13
N PHE B 38 -7.33 -19.55 19.32
CA PHE B 38 -6.79 -18.43 20.09
C PHE B 38 -7.48 -18.14 21.41
N ASN B 39 -6.85 -17.27 22.21
CA ASN B 39 -7.46 -16.86 23.47
C ASN B 39 -7.31 -15.37 23.67
N GLN B 40 -6.96 -14.70 22.60
CA GLN B 40 -6.86 -13.27 22.65
C GLN B 40 -7.07 -12.74 21.25
N ILE B 41 -7.62 -11.53 21.16
CA ILE B 41 -7.82 -10.89 19.86
C ILE B 41 -7.38 -9.41 19.95
N THR B 42 -6.91 -8.86 18.83
CA THR B 42 -6.57 -7.45 18.74
C THR B 42 -7.41 -6.96 17.56
N ALA B 43 -8.07 -5.82 17.72
CA ALA B 43 -8.88 -5.32 16.63
C ALA B 43 -7.92 -4.77 15.58
N GLU B 44 -7.96 -5.34 14.38
CA GLU B 44 -7.08 -4.90 13.31
C GLU B 44 -7.24 -3.39 13.03
N ASN B 45 -8.45 -2.85 13.13
CA ASN B 45 -8.64 -1.43 12.81
C ASN B 45 -9.61 -0.60 13.64
N ILE B 46 -10.69 -1.21 14.12
CA ILE B 46 -11.71 -0.43 14.81
C ILE B 46 -11.41 0.12 16.19
N MET B 47 -10.20 -0.08 16.66
CA MET B 47 -9.85 0.47 17.94
C MET B 47 -8.79 1.55 17.80
N LYS B 48 -8.53 1.97 16.57
CA LYS B 48 -7.58 3.03 16.34
C LYS B 48 -8.25 4.35 16.73
N MET B 49 -7.46 5.40 16.97
CA MET B 49 -7.93 6.72 17.44
C MET B 49 -9.25 7.35 16.94
N SER B 50 -9.37 7.60 15.65
CA SER B 50 -10.59 8.21 15.17
C SER B 50 -11.79 7.30 15.35
N TYR B 51 -11.62 5.98 15.51
CA TYR B 51 -12.81 5.15 15.68
C TYR B 51 -13.51 5.31 17.01
N MET B 52 -12.85 6.01 17.93
CA MET B 52 -13.41 6.24 19.23
C MET B 52 -14.35 7.46 19.26
N TYR B 53 -14.52 8.11 18.11
CA TYR B 53 -15.35 9.33 18.00
C TYR B 53 -16.38 9.39 16.89
N SER B 54 -17.43 10.17 17.14
CA SER B 54 -18.48 10.46 16.18
C SER B 54 -18.41 12.00 16.13
N GLY B 55 -17.67 12.54 15.16
CA GLY B 55 -17.51 13.97 15.14
C GLY B 55 -16.54 14.35 16.28
N SER B 56 -17.03 15.04 17.30
CA SER B 56 -16.19 15.47 18.41
C SER B 56 -16.58 14.81 19.73
N ASN B 57 -17.57 13.92 19.66
CA ASN B 57 -18.04 13.21 20.84
C ASN B 57 -17.49 11.81 20.80
N PHE B 58 -17.29 11.19 21.96
CA PHE B 58 -16.77 9.82 21.99
C PHE B 58 -17.91 8.88 21.61
N SER B 59 -17.57 7.79 20.92
CA SER B 59 -18.56 6.81 20.52
C SER B 59 -17.89 5.46 20.60
N PHE B 60 -18.32 4.68 21.58
CA PHE B 60 -17.73 3.38 21.83
C PHE B 60 -18.58 2.22 21.41
N THR B 61 -19.70 2.51 20.73
CA THR B 61 -20.61 1.45 20.32
C THR B 61 -19.99 0.31 19.57
N ASN B 62 -19.29 0.57 18.48
CA ASN B 62 -18.73 -0.55 17.73
C ASN B 62 -17.66 -1.31 18.48
N SER B 63 -16.73 -0.59 19.11
CA SER B 63 -15.68 -1.27 19.82
C SER B 63 -16.23 -2.07 21.00
N ASP B 64 -17.29 -1.56 21.62
CA ASP B 64 -17.90 -2.29 22.74
C ASP B 64 -18.46 -3.62 22.25
N ARG B 65 -19.05 -3.63 21.05
CA ARG B 65 -19.63 -4.82 20.45
C ARG B 65 -18.57 -5.89 20.29
N LEU B 66 -17.37 -5.46 19.87
CA LEU B 66 -16.22 -6.35 19.65
C LEU B 66 -15.66 -6.86 20.97
N VAL B 67 -15.49 -5.96 21.96
CA VAL B 67 -14.96 -6.33 23.26
C VAL B 67 -15.89 -7.35 23.93
N SER B 68 -17.18 -7.07 23.81
CA SER B 68 -18.23 -7.91 24.35
C SER B 68 -18.20 -9.29 23.65
N TRP B 69 -18.06 -9.31 22.33
CA TRP B 69 -17.96 -10.59 21.59
C TRP B 69 -16.75 -11.43 22.09
N ALA B 70 -15.62 -10.76 22.29
CA ALA B 70 -14.42 -11.44 22.74
C ALA B 70 -14.72 -12.15 24.07
N ALA B 71 -15.23 -11.39 25.02
CA ALA B 71 -15.53 -11.90 26.34
C ALA B 71 -16.46 -13.13 26.34
N GLN B 72 -17.43 -13.14 25.44
CA GLN B 72 -18.37 -14.25 25.35
C GLN B 72 -17.80 -15.40 24.59
N ASN B 73 -16.65 -15.19 23.96
CA ASN B 73 -16.05 -16.29 23.21
C ASN B 73 -14.67 -16.74 23.70
N GLY B 74 -14.41 -16.52 25.00
CA GLY B 74 -13.15 -16.93 25.62
C GLY B 74 -11.87 -16.25 25.15
N GLN B 75 -11.95 -14.98 24.80
CA GLN B 75 -10.79 -14.23 24.33
C GLN B 75 -10.57 -12.99 25.17
N THR B 76 -9.30 -12.71 25.48
CA THR B 76 -8.97 -11.50 26.21
C THR B 76 -8.76 -10.50 25.05
N VAL B 77 -8.51 -9.24 25.38
CA VAL B 77 -8.35 -8.25 24.32
C VAL B 77 -7.14 -7.33 24.51
N HIS B 78 -6.39 -7.19 23.43
CA HIS B 78 -5.26 -6.29 23.41
C HIS B 78 -5.73 -5.05 22.62
N GLY B 79 -5.59 -3.89 23.23
CA GLY B 79 -5.99 -2.67 22.58
C GLY B 79 -4.92 -2.09 21.68
N HIS B 80 -5.30 -1.82 20.43
CA HIS B 80 -4.40 -1.29 19.42
C HIS B 80 -5.16 -0.14 18.79
N ALA B 81 -4.84 1.12 19.10
CA ALA B 81 -3.80 1.60 20.01
C ALA B 81 -4.27 2.96 20.57
N LEU B 82 -3.73 3.38 21.72
CA LEU B 82 -4.11 4.67 22.32
C LEU B 82 -3.60 5.86 21.52
N VAL B 83 -2.33 5.80 21.14
CA VAL B 83 -1.72 6.89 20.38
C VAL B 83 -0.99 6.34 19.12
N TRP B 84 -1.29 6.91 17.96
CA TRP B 84 -0.65 6.46 16.70
C TRP B 84 -0.76 7.62 15.71
N HIS B 85 0.25 7.77 14.87
CA HIS B 85 0.31 8.92 13.97
C HIS B 85 -0.39 9.09 12.62
N PRO B 86 -0.65 8.00 11.87
CA PRO B 86 -1.31 8.05 10.55
C PRO B 86 -2.53 8.95 10.51
N SER B 87 -2.47 9.93 9.62
CA SER B 87 -3.55 10.89 9.44
C SER B 87 -4.91 10.27 9.22
N TYR B 88 -5.03 9.17 8.46
CA TYR B 88 -6.34 8.58 8.22
C TYR B 88 -7.10 8.28 9.50
N GLN B 89 -6.39 7.93 10.58
CA GLN B 89 -7.06 7.63 11.84
C GLN B 89 -6.92 8.66 12.93
N LEU B 90 -6.44 9.85 12.59
CA LEU B 90 -6.26 10.92 13.55
C LEU B 90 -7.58 11.60 13.94
N PRO B 91 -7.86 11.73 15.26
CA PRO B 91 -9.11 12.38 15.63
C PRO B 91 -8.98 13.81 15.12
N ASN B 92 -10.10 14.49 14.93
CA ASN B 92 -10.05 15.85 14.40
C ASN B 92 -9.31 16.88 15.23
N TRP B 93 -9.18 16.64 16.53
CA TRP B 93 -8.47 17.57 17.40
C TRP B 93 -6.97 17.45 17.22
N ALA B 94 -6.52 16.30 16.72
CA ALA B 94 -5.09 16.07 16.51
C ALA B 94 -4.60 16.90 15.34
N SER B 95 -4.45 18.20 15.59
CA SER B 95 -4.00 19.10 14.55
C SER B 95 -2.96 20.13 15.04
N ASP B 96 -2.13 20.60 14.11
CA ASP B 96 -1.12 21.63 14.42
C ASP B 96 -1.81 23.00 14.65
N SER B 97 -3.09 23.09 14.29
CA SER B 97 -3.84 24.34 14.45
C SER B 97 -4.66 24.37 15.74
N ASN B 98 -4.76 23.24 16.43
CA ASN B 98 -5.53 23.18 17.66
C ASN B 98 -4.75 23.64 18.88
N ALA B 99 -5.07 24.83 19.37
CA ALA B 99 -4.40 25.38 20.57
C ALA B 99 -4.71 24.58 21.89
N ASN B 100 -5.73 23.73 21.84
CA ASN B 100 -6.09 22.92 22.98
C ASN B 100 -5.57 21.50 22.87
N PHE B 101 -4.58 21.31 22.00
CA PHE B 101 -4.02 19.99 21.77
C PHE B 101 -3.68 19.13 22.99
N ARG B 102 -2.88 19.68 23.91
CA ARG B 102 -2.47 18.95 25.12
C ARG B 102 -3.64 18.56 25.99
N GLN B 103 -4.67 19.40 25.99
CA GLN B 103 -5.84 19.10 26.77
C GLN B 103 -6.69 18.00 26.08
N ASP B 104 -6.79 18.06 24.76
CA ASP B 104 -7.58 17.08 24.01
C ASP B 104 -6.86 15.72 24.01
N PHE B 105 -5.53 15.76 24.00
CA PHE B 105 -4.68 14.58 24.04
C PHE B 105 -4.98 13.88 25.40
N ALA B 106 -4.87 14.64 26.48
CA ALA B 106 -5.12 14.09 27.80
C ALA B 106 -6.53 13.50 27.89
N ARG B 107 -7.53 14.21 27.39
CA ARG B 107 -8.92 13.74 27.43
C ARG B 107 -9.06 12.40 26.70
N HIS B 108 -8.38 12.29 25.55
CA HIS B 108 -8.44 11.04 24.77
C HIS B 108 -8.03 9.82 25.60
N ILE B 109 -6.80 9.86 26.15
CA ILE B 109 -6.25 8.79 26.99
C ILE B 109 -7.09 8.49 28.25
N ASP B 110 -7.41 9.55 28.99
CA ASP B 110 -8.19 9.45 30.22
C ASP B 110 -9.48 8.70 29.97
N THR B 111 -10.19 9.18 28.94
CA THR B 111 -11.48 8.61 28.55
C THR B 111 -11.51 7.19 27.97
N VAL B 112 -10.71 6.89 26.97
CA VAL B 112 -10.82 5.56 26.43
C VAL B 112 -10.21 4.49 27.31
N ALA B 113 -9.16 4.84 28.07
CA ALA B 113 -8.50 3.86 28.95
C ALA B 113 -9.40 3.50 30.11
N ALA B 114 -10.09 4.52 30.61
CA ALA B 114 -11.03 4.35 31.70
C ALA B 114 -12.25 3.63 31.16
N HIS B 115 -12.71 4.01 29.97
CA HIS B 115 -13.91 3.39 29.43
C HIS B 115 -13.81 1.88 29.40
N PHE B 116 -12.67 1.37 28.93
CA PHE B 116 -12.41 -0.08 28.80
C PHE B 116 -11.68 -0.70 29.96
N ALA B 117 -11.50 0.06 31.04
CA ALA B 117 -10.75 -0.35 32.22
C ALA B 117 -10.64 -1.82 32.67
N GLY B 118 -11.76 -2.50 32.84
CA GLY B 118 -11.62 -3.87 33.26
C GLY B 118 -11.88 -4.88 32.18
N GLN B 119 -12.03 -4.43 30.93
CA GLN B 119 -12.37 -5.32 29.82
C GLN B 119 -11.21 -5.61 28.83
N VAL B 120 -10.14 -4.80 28.91
CA VAL B 120 -8.96 -4.94 28.04
C VAL B 120 -7.74 -5.37 28.84
N LYS B 121 -7.14 -6.50 28.49
CA LYS B 121 -5.97 -6.99 29.21
C LYS B 121 -4.69 -6.15 29.09
N SER B 122 -4.41 -5.61 27.91
CA SER B 122 -3.22 -4.80 27.69
C SER B 122 -3.45 -3.80 26.58
N TRP B 123 -2.58 -2.81 26.47
CA TRP B 123 -2.69 -1.74 25.46
C TRP B 123 -1.39 -1.36 24.77
N ASP B 124 -1.47 -1.08 23.47
CA ASP B 124 -0.35 -0.54 22.71
C ASP B 124 -0.59 0.89 23.09
N VAL B 125 0.14 1.37 24.09
CA VAL B 125 -0.06 2.74 24.55
C VAL B 125 0.40 3.73 23.49
N VAL B 126 1.60 3.55 22.99
CA VAL B 126 2.10 4.41 21.93
C VAL B 126 2.62 3.44 20.91
N ASN B 127 2.25 3.68 19.65
CA ASN B 127 2.64 2.83 18.55
C ASN B 127 3.40 3.57 17.46
N GLU B 128 4.58 3.05 17.12
CA GLU B 128 5.40 3.62 16.06
C GLU B 128 5.88 5.05 16.20
N ALA B 129 6.52 5.34 17.36
CA ALA B 129 7.07 6.66 17.69
C ALA B 129 8.50 6.88 17.18
N LEU B 130 9.20 5.77 16.94
CA LEU B 130 10.55 5.79 16.46
C LEU B 130 10.57 6.17 15.00
N PHE B 131 11.54 6.96 14.59
CA PHE B 131 11.67 7.36 13.20
C PHE B 131 12.04 6.13 12.44
N ASP B 132 11.63 6.11 11.18
CA ASP B 132 11.91 4.98 10.25
C ASP B 132 12.10 5.54 8.84
N SER B 133 13.29 5.38 8.29
CA SER B 133 13.66 5.85 6.94
C SER B 133 12.67 5.44 5.81
N ALA B 134 12.00 4.30 6.01
CA ALA B 134 11.06 3.75 5.04
C ALA B 134 9.61 4.07 5.27
N ASP B 135 9.32 5.05 6.10
CA ASP B 135 7.93 5.36 6.39
C ASP B 135 7.93 6.68 7.13
N ASP B 136 8.27 7.76 6.44
CA ASP B 136 8.25 9.05 7.12
C ASP B 136 7.33 10.00 6.37
N PRO B 137 6.01 9.78 6.52
CA PRO B 137 5.01 10.62 5.87
C PRO B 137 5.06 12.07 6.37
N ASP B 138 5.50 12.28 7.61
CA ASP B 138 5.58 13.65 8.11
C ASP B 138 6.62 14.44 7.30
N GLY B 139 7.57 13.72 6.69
CA GLY B 139 8.62 14.33 5.87
C GLY B 139 9.68 15.15 6.58
N ARG B 140 9.67 15.16 7.92
CA ARG B 140 10.61 15.96 8.72
C ARG B 140 11.97 15.36 9.10
N GLY B 141 12.16 14.06 8.84
CA GLY B 141 13.43 13.43 9.16
C GLY B 141 13.52 13.02 10.62
N SER B 142 14.62 12.40 11.03
CA SER B 142 14.75 11.94 12.40
C SER B 142 15.05 13.05 13.42
N ALA B 143 14.36 13.01 14.57
CA ALA B 143 14.62 13.96 15.64
C ALA B 143 15.26 13.13 16.75
N ASN B 144 16.56 12.85 16.64
CA ASN B 144 17.27 12.04 17.63
C ASN B 144 16.66 10.63 17.76
N GLY B 145 16.30 10.07 16.61
CA GLY B 145 15.70 8.73 16.58
C GLY B 145 14.18 8.68 16.59
N TYR B 146 13.55 9.81 16.90
CA TYR B 146 12.12 9.92 16.96
C TYR B 146 11.49 10.43 15.65
N ARG B 147 10.26 10.00 15.45
CA ARG B 147 9.45 10.34 14.30
C ARG B 147 8.79 11.64 14.73
N GLN B 148 8.85 12.64 13.85
CA GLN B 148 8.26 13.97 14.13
C GLN B 148 6.77 14.09 13.77
N SER B 149 5.93 13.31 14.45
CA SER B 149 4.50 13.30 14.18
C SER B 149 3.82 14.48 14.89
N VAL B 150 2.50 14.69 14.74
CA VAL B 150 1.86 15.82 15.42
C VAL B 150 2.17 15.80 16.90
N PHE B 151 2.07 14.61 17.48
CA PHE B 151 2.28 14.48 18.89
C PHE B 151 3.64 14.96 19.32
N TYR B 152 4.67 14.62 18.54
CA TYR B 152 6.00 15.05 18.87
C TYR B 152 6.07 16.54 18.72
N ARG B 153 5.54 17.07 17.62
CA ARG B 153 5.57 18.51 17.37
C ARG B 153 4.87 19.37 18.41
N GLN B 154 3.66 18.96 18.78
CA GLN B 154 2.84 19.67 19.75
C GLN B 154 3.44 19.69 21.14
N PHE B 155 4.09 18.59 21.52
CA PHE B 155 4.69 18.50 22.83
C PHE B 155 6.12 19.02 22.84
N GLY B 156 6.66 19.31 21.66
CA GLY B 156 8.02 19.80 21.52
C GLY B 156 9.06 18.77 21.87
N GLY B 157 8.73 17.49 21.74
CA GLY B 157 9.67 16.44 22.06
C GLY B 157 8.99 15.12 22.39
N PRO B 158 9.74 14.10 22.83
CA PRO B 158 9.18 12.79 23.18
C PRO B 158 8.42 12.70 24.50
N GLU B 159 8.21 13.82 25.20
CA GLU B 159 7.50 13.74 26.48
C GLU B 159 6.04 13.29 26.34
N TYR B 160 5.47 13.38 25.14
CA TYR B 160 4.09 12.93 24.97
C TYR B 160 4.01 11.44 25.30
N ILE B 161 5.12 10.73 25.12
CA ILE B 161 5.20 9.29 25.41
C ILE B 161 5.10 9.03 26.92
N ASP B 162 5.84 9.79 27.74
CA ASP B 162 5.80 9.63 29.20
C ASP B 162 4.40 9.92 29.67
N GLU B 163 3.82 10.99 29.12
CA GLU B 163 2.49 11.38 29.50
C GLU B 163 1.43 10.32 29.18
N ALA B 164 1.49 9.72 27.99
CA ALA B 164 0.52 8.71 27.59
C ALA B 164 0.54 7.54 28.57
N PHE B 165 1.74 7.09 28.93
CA PHE B 165 1.85 5.98 29.85
C PHE B 165 1.32 6.35 31.23
N ARG B 166 1.75 7.48 31.78
CA ARG B 166 1.29 7.89 33.12
C ARG B 166 -0.23 7.95 33.17
N ARG B 167 -0.80 8.56 32.13
CA ARG B 167 -2.24 8.75 31.94
C ARG B 167 -3.02 7.42 31.90
N ALA B 168 -2.52 6.49 31.10
CA ALA B 168 -3.09 5.17 30.93
C ALA B 168 -3.07 4.38 32.25
N ARG B 169 -1.91 4.39 32.94
CA ARG B 169 -1.74 3.68 34.21
C ARG B 169 -2.78 4.14 35.22
N ALA B 170 -2.93 5.46 35.36
CA ALA B 170 -3.89 6.02 36.30
C ALA B 170 -5.32 5.66 35.95
N ALA B 171 -5.71 5.78 34.69
CA ALA B 171 -7.09 5.45 34.33
C ALA B 171 -7.39 3.97 34.47
N ASP B 172 -6.40 3.10 34.25
CA ASP B 172 -6.62 1.65 34.37
C ASP B 172 -5.37 1.01 34.94
N PRO B 173 -5.32 0.89 36.27
CA PRO B 173 -4.20 0.29 36.99
C PRO B 173 -3.98 -1.19 36.74
N THR B 174 -4.93 -1.86 36.07
CA THR B 174 -4.82 -3.29 35.79
C THR B 174 -4.29 -3.69 34.40
N ALA B 175 -4.31 -2.76 33.45
CA ALA B 175 -3.87 -3.07 32.11
C ALA B 175 -2.36 -3.10 31.91
N GLU B 176 -1.87 -4.11 31.20
CA GLU B 176 -0.43 -4.18 30.89
C GLU B 176 -0.22 -3.09 29.82
N LEU B 177 0.74 -2.19 30.04
CA LEU B 177 1.02 -1.11 29.11
C LEU B 177 2.26 -1.35 28.22
N TYR B 178 2.04 -1.37 26.92
CA TYR B 178 3.13 -1.64 26.00
C TYR B 178 3.50 -0.52 25.05
N TYR B 179 4.77 -0.51 24.67
CA TYR B 179 5.23 0.40 23.65
C TYR B 179 5.35 -0.61 22.48
N ASN B 180 4.84 -0.27 21.30
CA ASN B 180 4.89 -1.20 20.19
C ASN B 180 5.54 -0.51 18.99
N ASP B 181 6.16 -1.26 18.09
CA ASP B 181 6.78 -0.65 16.89
C ASP B 181 7.26 -1.73 15.92
N PHE B 182 7.59 -1.34 14.69
CA PHE B 182 8.03 -2.30 13.69
C PHE B 182 9.48 -2.06 13.26
N ASN B 183 10.13 -3.13 12.75
CA ASN B 183 11.53 -3.06 12.30
C ASN B 183 12.58 -3.10 13.40
N THR B 184 12.13 -3.05 14.64
CA THR B 184 13.06 -3.07 15.77
C THR B 184 13.65 -4.46 16.00
N GLU B 185 13.25 -5.40 15.15
CA GLU B 185 13.77 -6.75 15.26
C GLU B 185 14.90 -6.89 14.31
N GLU B 186 15.11 -5.87 13.48
CA GLU B 186 16.19 -5.90 12.49
C GLU B 186 17.57 -5.86 13.11
N ASN B 187 17.63 -5.43 14.36
CA ASN B 187 18.87 -5.29 15.12
C ASN B 187 19.78 -4.22 14.55
N GLY B 188 19.19 -3.19 13.94
CA GLY B 188 19.95 -2.09 13.37
C GLY B 188 19.76 -0.77 14.10
N ALA B 189 19.78 0.31 13.35
CA ALA B 189 19.63 1.67 13.90
C ALA B 189 18.41 1.84 14.78
N LYS B 190 17.28 1.35 14.27
CA LYS B 190 16.02 1.46 14.97
C LYS B 190 16.03 0.70 16.27
N THR B 191 16.74 -0.43 16.28
CA THR B 191 16.84 -1.23 17.50
C THR B 191 17.57 -0.38 18.51
N THR B 192 18.63 0.27 18.08
CA THR B 192 19.39 1.12 18.97
C THR B 192 18.48 2.22 19.57
N ALA B 193 17.72 2.91 18.70
CA ALA B 193 16.79 3.96 19.14
C ALA B 193 15.73 3.42 20.10
N LEU B 194 15.29 2.17 19.87
CA LEU B 194 14.31 1.54 20.74
C LEU B 194 14.93 1.42 22.11
N VAL B 195 16.18 0.97 22.17
CA VAL B 195 16.88 0.80 23.43
C VAL B 195 16.97 2.10 24.19
N ASN B 196 17.36 3.18 23.52
CA ASN B 196 17.41 4.49 24.16
C ASN B 196 16.07 4.98 24.67
N LEU B 197 15.03 4.80 23.84
CA LEU B 197 13.66 5.19 24.18
C LEU B 197 13.23 4.47 25.45
N VAL B 198 13.43 3.16 25.49
CA VAL B 198 13.04 2.38 26.65
C VAL B 198 13.80 2.76 27.90
N GLN B 199 15.11 2.96 27.75
CA GLN B 199 16.00 3.33 28.86
C GLN B 199 15.54 4.65 29.44
N ARG B 200 15.17 5.60 28.56
CA ARG B 200 14.70 6.92 28.99
C ARG B 200 13.46 6.81 29.83
N LEU B 201 12.53 6.01 29.35
CA LEU B 201 11.28 5.81 30.04
C LEU B 201 11.54 5.23 31.44
N LEU B 202 12.44 4.25 31.54
CA LEU B 202 12.77 3.62 32.83
C LEU B 202 13.38 4.64 33.78
N ASN B 203 14.33 5.39 33.26
CA ASN B 203 15.04 6.42 34.02
C ASN B 203 14.03 7.37 34.59
N ASN B 204 13.03 7.75 33.81
CA ASN B 204 12.01 8.69 34.27
C ASN B 204 10.90 8.12 35.16
N GLY B 205 10.99 6.83 35.49
CA GLY B 205 9.97 6.22 36.31
C GLY B 205 8.62 6.12 35.60
N VAL B 206 8.62 6.06 34.26
CA VAL B 206 7.38 5.96 33.49
C VAL B 206 6.85 4.54 33.58
N PRO B 207 5.56 4.38 33.90
CA PRO B 207 5.00 3.04 34.02
C PRO B 207 4.81 2.22 32.74
N ILE B 208 5.90 1.76 32.15
CA ILE B 208 5.81 0.92 30.96
C ILE B 208 6.01 -0.56 31.40
N ASP B 209 5.10 -1.47 31.04
CA ASP B 209 5.21 -2.89 31.45
C ASP B 209 5.86 -3.80 30.41
N GLY B 210 5.83 -3.40 29.15
CA GLY B 210 6.43 -4.26 28.15
C GLY B 210 6.70 -3.58 26.82
N VAL B 211 7.40 -4.31 25.96
CA VAL B 211 7.75 -3.84 24.64
C VAL B 211 7.22 -4.84 23.62
N GLY B 212 6.51 -4.33 22.61
CA GLY B 212 5.99 -5.19 21.59
C GLY B 212 6.80 -5.09 20.32
N PHE B 213 6.99 -6.24 19.69
CA PHE B 213 7.70 -6.29 18.43
C PHE B 213 6.60 -6.70 17.49
N GLN B 214 6.27 -5.83 16.53
CA GLN B 214 5.25 -6.16 15.55
C GLN B 214 5.61 -7.41 14.75
N MET B 215 6.87 -7.53 14.35
CA MET B 215 7.35 -8.68 13.61
C MET B 215 6.82 -8.88 12.20
N HIS B 216 6.80 -7.84 11.36
CA HIS B 216 6.31 -8.00 9.98
C HIS B 216 7.52 -8.42 9.16
N VAL B 217 7.82 -9.72 9.18
CA VAL B 217 9.00 -10.21 8.49
C VAL B 217 8.77 -10.94 7.19
N MET B 218 9.88 -11.35 6.59
CA MET B 218 9.90 -12.10 5.36
C MET B 218 10.54 -13.44 5.69
N ASN B 219 10.39 -14.39 4.77
CA ASN B 219 10.90 -15.73 4.93
C ASN B 219 12.38 -15.72 5.20
N ASP B 220 13.10 -14.85 4.49
CA ASP B 220 14.52 -14.84 4.68
C ASP B 220 15.17 -13.58 5.22
N TYR B 221 14.38 -12.65 5.73
CA TYR B 221 14.97 -11.42 6.29
C TYR B 221 14.06 -10.81 7.33
N PRO B 222 14.63 -10.33 8.46
CA PRO B 222 16.02 -10.36 8.92
C PRO B 222 16.37 -11.74 9.40
N SER B 223 17.67 -12.04 9.58
CA SER B 223 18.11 -13.37 10.04
C SER B 223 17.66 -13.61 11.49
N ILE B 224 17.39 -14.85 11.93
CA ILE B 224 16.94 -15.02 13.33
C ILE B 224 18.03 -14.61 14.26
N ALA B 225 19.27 -14.64 13.79
CA ALA B 225 20.36 -14.26 14.65
C ALA B 225 20.18 -12.79 15.12
N ASN B 226 19.72 -11.93 14.20
CA ASN B 226 19.44 -10.51 14.49
C ASN B 226 18.16 -10.34 15.32
N ILE B 227 17.13 -11.09 14.97
CA ILE B 227 15.86 -11.04 15.69
C ILE B 227 16.16 -11.42 17.17
N ARG B 228 16.96 -12.48 17.36
CA ARG B 228 17.36 -12.97 18.68
C ARG B 228 18.00 -11.87 19.48
N GLN B 229 19.07 -11.30 18.93
CA GLN B 229 19.79 -10.24 19.61
C GLN B 229 18.96 -9.04 19.98
N ALA B 230 18.20 -8.50 19.01
CA ALA B 230 17.33 -7.35 19.25
C ALA B 230 16.40 -7.61 20.45
N MET B 231 15.88 -8.84 20.54
CA MET B 231 15.03 -9.18 21.65
C MET B 231 15.83 -9.27 22.93
N GLN B 232 17.04 -9.81 22.79
CA GLN B 232 17.93 -9.94 23.92
C GLN B 232 18.22 -8.59 24.53
N LYS B 233 18.63 -7.64 23.72
CA LYS B 233 18.95 -6.31 24.22
C LYS B 233 17.83 -5.71 25.10
N ILE B 234 16.58 -5.83 24.66
CA ILE B 234 15.49 -5.27 25.42
C ILE B 234 15.31 -6.08 26.72
N VAL B 235 15.33 -7.40 26.62
CA VAL B 235 15.13 -8.27 27.77
C VAL B 235 16.09 -7.88 28.90
N ALA B 236 17.31 -7.52 28.49
CA ALA B 236 18.39 -7.14 29.40
C ALA B 236 18.24 -5.81 30.13
N LEU B 237 17.40 -4.90 29.62
CA LEU B 237 17.18 -3.59 30.23
C LEU B 237 16.48 -3.53 31.57
N SER B 238 15.80 -4.59 31.97
CA SER B 238 15.09 -4.59 33.24
C SER B 238 14.77 -6.04 33.56
N PRO B 239 14.59 -6.37 34.83
CA PRO B 239 14.30 -7.73 35.24
C PRO B 239 12.82 -8.11 35.21
N THR B 240 11.98 -7.17 34.80
CA THR B 240 10.55 -7.41 34.79
C THR B 240 9.77 -7.13 33.48
N LEU B 241 10.38 -6.30 32.64
CA LEU B 241 9.85 -5.89 31.34
C LEU B 241 9.35 -7.09 30.51
N LYS B 242 8.10 -7.04 30.06
CA LYS B 242 7.61 -8.13 29.25
C LYS B 242 7.84 -7.87 27.76
N ILE B 243 7.93 -8.96 27.00
CA ILE B 243 8.12 -8.89 25.55
C ILE B 243 6.87 -9.53 24.92
N LYS B 244 6.31 -8.87 23.91
CA LYS B 244 5.11 -9.38 23.24
C LYS B 244 5.26 -9.26 21.74
N ILE B 245 5.00 -10.33 21.02
CA ILE B 245 5.05 -10.28 19.56
C ILE B 245 3.61 -9.90 19.23
N THR B 246 3.45 -8.70 18.72
CA THR B 246 2.15 -8.15 18.46
C THR B 246 1.47 -8.31 17.09
N CYS B 247 2.22 -8.25 16.00
CA CYS B 247 1.60 -8.38 14.69
C CYS B 247 2.35 -9.31 13.74
N LEU B 248 2.68 -10.51 14.18
CA LEU B 248 3.41 -11.42 13.33
C LEU B 248 2.74 -11.84 11.98
N ASP B 249 3.52 -11.73 10.91
CA ASP B 249 3.11 -12.23 9.61
C ASP B 249 4.38 -12.50 8.80
N VAL B 250 4.34 -13.44 7.87
CA VAL B 250 5.54 -13.82 7.11
C VAL B 250 5.42 -13.82 5.60
N ARG B 251 6.03 -12.85 4.92
CA ARG B 251 5.93 -12.77 3.44
C ARG B 251 6.85 -13.73 2.72
N LEU B 252 6.34 -14.48 1.75
CA LEU B 252 7.22 -15.35 1.00
C LEU B 252 8.05 -14.55 -0.02
N ASN B 253 7.52 -13.41 -0.48
CA ASN B 253 8.17 -12.55 -1.47
C ASN B 253 8.95 -11.41 -0.87
N ASN B 254 10.24 -11.29 -1.20
CA ASN B 254 11.06 -10.17 -0.72
C ASN B 254 11.42 -9.38 -1.98
N PRO B 255 10.80 -8.22 -2.16
CA PRO B 255 10.95 -7.32 -3.29
C PRO B 255 12.09 -6.27 -3.18
N TYR B 256 12.86 -6.38 -2.10
CA TYR B 256 13.99 -5.48 -1.85
C TYR B 256 15.36 -6.19 -1.99
N ASP B 257 15.32 -7.49 -2.27
CA ASP B 257 16.54 -8.26 -2.42
C ASP B 257 17.32 -8.00 -3.71
N GLY B 258 16.72 -7.30 -4.68
CA GLY B 258 17.41 -7.03 -5.93
C GLY B 258 17.51 -8.24 -6.84
N ASN B 259 16.71 -9.25 -6.54
CA ASN B 259 16.63 -10.47 -7.33
C ASN B 259 15.16 -10.62 -7.58
N SER B 260 14.76 -10.43 -8.83
CA SER B 260 13.37 -10.59 -9.22
C SER B 260 13.11 -12.02 -9.75
N SER B 261 14.16 -12.83 -9.82
CA SER B 261 14.02 -14.22 -10.29
C SER B 261 13.47 -15.19 -9.26
N ASN B 262 13.53 -14.78 -8.00
CA ASN B 262 13.02 -15.59 -6.90
C ASN B 262 11.66 -15.18 -6.33
N ASP B 263 10.92 -14.36 -7.09
CA ASP B 263 9.59 -13.86 -6.70
C ASP B 263 8.42 -14.66 -7.30
N TYR B 264 7.44 -15.00 -6.47
CA TYR B 264 6.26 -15.71 -6.94
C TYR B 264 5.33 -14.60 -7.44
N THR B 265 5.12 -14.51 -8.74
CA THR B 265 4.27 -13.46 -9.34
C THR B 265 2.82 -13.83 -9.77
N ASN B 266 2.40 -15.04 -9.45
CA ASN B 266 1.09 -15.52 -9.81
C ASN B 266 0.39 -16.04 -8.57
N ARG B 267 -0.89 -15.73 -8.45
CA ARG B 267 -1.70 -16.16 -7.32
C ARG B 267 -1.73 -17.68 -7.15
N ASN B 268 -1.54 -18.42 -8.24
CA ASN B 268 -1.57 -19.88 -8.22
C ASN B 268 -0.30 -20.54 -7.76
N ASP B 269 0.82 -19.82 -7.82
CA ASP B 269 2.11 -20.37 -7.42
C ASP B 269 2.12 -21.08 -6.07
N CYS B 270 1.59 -20.44 -5.03
CA CYS B 270 1.61 -21.05 -3.72
C CYS B 270 0.22 -21.18 -3.15
N ALA B 271 -0.70 -21.52 -4.02
CA ALA B 271 -2.05 -21.72 -3.62
C ALA B 271 -2.19 -23.10 -2.93
N VAL B 272 -1.37 -24.08 -3.37
CA VAL B 272 -1.43 -25.43 -2.81
C VAL B 272 -0.09 -25.84 -2.21
N SER B 273 0.94 -25.84 -3.04
CA SER B 273 2.26 -26.22 -2.59
C SER B 273 3.33 -25.49 -3.37
N CYS B 274 4.38 -25.08 -2.66
CA CYS B 274 5.53 -24.39 -3.25
C CYS B 274 6.59 -24.25 -2.15
N ALA B 275 7.84 -24.22 -2.56
CA ALA B 275 8.98 -24.12 -1.68
C ALA B 275 8.82 -23.06 -0.60
N GLY B 276 8.30 -21.89 -0.99
CA GLY B 276 8.11 -20.82 -0.04
C GLY B 276 7.24 -21.21 1.14
N LEU B 277 6.22 -22.06 0.91
CA LEU B 277 5.31 -22.50 1.96
C LEU B 277 6.00 -23.39 2.97
N ASP B 278 6.97 -24.15 2.49
CA ASP B 278 7.72 -25.01 3.37
C ASP B 278 8.68 -24.13 4.17
N ARG B 279 9.35 -23.18 3.50
CA ARG B 279 10.29 -22.33 4.22
C ARG B 279 9.53 -21.51 5.28
N GLN B 280 8.29 -21.16 4.97
CA GLN B 280 7.45 -20.40 5.89
C GLN B 280 7.11 -21.26 7.14
N LYS B 281 7.07 -22.58 7.00
CA LYS B 281 6.82 -23.39 8.18
C LYS B 281 8.02 -23.27 9.10
N ALA B 282 9.22 -23.35 8.51
CA ALA B 282 10.45 -23.26 9.29
C ALA B 282 10.65 -21.88 9.89
N ARG B 283 10.24 -20.86 9.14
CA ARG B 283 10.39 -19.47 9.54
C ARG B 283 9.54 -19.16 10.75
N TYR B 284 8.27 -19.58 10.74
CA TYR B 284 7.38 -19.34 11.87
C TYR B 284 7.94 -20.10 13.09
N LYS B 285 8.42 -21.33 12.84
CA LYS B 285 8.95 -22.16 13.89
C LYS B 285 10.13 -21.54 14.57
N GLU B 286 11.13 -21.13 13.78
CA GLU B 286 12.36 -20.58 14.33
C GLU B 286 12.10 -19.31 15.09
N ILE B 287 11.11 -18.54 14.67
CA ILE B 287 10.77 -17.29 15.36
C ILE B 287 10.16 -17.58 16.75
N VAL B 288 9.15 -18.42 16.80
CA VAL B 288 8.55 -18.78 18.07
C VAL B 288 9.60 -19.39 19.00
N GLN B 289 10.48 -20.24 18.45
CA GLN B 289 11.52 -20.84 19.26
C GLN B 289 12.39 -19.78 19.88
N ALA B 290 12.81 -18.81 19.06
CA ALA B 290 13.64 -17.70 19.50
C ALA B 290 12.96 -16.94 20.62
N TYR B 291 11.65 -16.76 20.52
CA TYR B 291 10.88 -16.06 21.53
C TYR B 291 10.94 -16.86 22.82
N LEU B 292 10.69 -18.15 22.73
CA LEU B 292 10.73 -19.01 23.89
C LEU B 292 12.07 -19.06 24.58
N GLU B 293 13.15 -19.14 23.80
CA GLU B 293 14.50 -19.19 24.38
C GLU B 293 15.05 -17.87 24.92
N VAL B 294 14.70 -16.75 24.29
CA VAL B 294 15.20 -15.43 24.71
C VAL B 294 14.38 -14.77 25.82
N VAL B 295 13.06 -14.99 25.84
CA VAL B 295 12.19 -14.38 26.87
C VAL B 295 11.83 -15.39 27.96
N PRO B 296 12.20 -15.08 29.21
CA PRO B 296 11.97 -15.91 30.38
C PRO B 296 10.49 -16.02 30.67
N PRO B 297 10.06 -17.18 31.18
CA PRO B 297 8.66 -17.43 31.53
C PRO B 297 8.33 -16.40 32.58
N GLY B 298 7.11 -15.88 32.56
CA GLY B 298 6.79 -14.84 33.51
C GLY B 298 7.01 -13.49 32.84
N ARG B 299 7.70 -13.49 31.71
CA ARG B 299 7.94 -12.23 31.02
C ARG B 299 7.38 -12.25 29.60
N ARG B 300 6.61 -13.29 29.33
CA ARG B 300 5.99 -13.52 28.03
C ARG B 300 4.61 -12.89 27.85
N GLY B 301 4.59 -11.78 27.12
CA GLY B 301 3.35 -11.05 26.84
C GLY B 301 2.41 -11.72 25.85
N GLY B 302 2.94 -12.61 25.04
CA GLY B 302 2.11 -13.29 24.09
C GLY B 302 2.61 -13.11 22.67
N ILE B 303 2.07 -13.92 21.78
CA ILE B 303 2.42 -13.85 20.37
C ILE B 303 1.08 -13.68 19.68
N THR B 304 0.98 -12.70 18.81
CA THR B 304 -0.26 -12.48 18.07
C THR B 304 0.02 -12.47 16.58
N VAL B 305 -0.80 -13.20 15.84
CA VAL B 305 -0.67 -13.27 14.40
C VAL B 305 -1.61 -12.22 13.82
N TRP B 306 -1.10 -11.44 12.86
CA TRP B 306 -1.88 -10.37 12.25
C TRP B 306 -2.93 -10.79 11.20
N GLY B 307 -3.93 -11.54 11.64
CA GLY B 307 -4.99 -11.99 10.74
C GLY B 307 -5.31 -13.48 10.74
N ILE B 308 -6.52 -13.83 10.34
CA ILE B 308 -6.91 -15.24 10.31
C ILE B 308 -6.44 -16.02 9.04
N ALA B 309 -7.01 -15.68 7.88
CA ALA B 309 -6.67 -16.34 6.62
C ALA B 309 -5.96 -15.41 5.67
N ASP B 310 -5.08 -15.98 4.83
CA ASP B 310 -4.33 -15.22 3.84
C ASP B 310 -5.09 -14.06 3.11
N PRO B 311 -6.29 -14.32 2.53
CA PRO B 311 -6.96 -13.23 1.86
C PRO B 311 -7.36 -12.05 2.76
N ASP B 312 -7.36 -12.25 4.08
CA ASP B 312 -7.71 -11.17 4.98
C ASP B 312 -6.53 -10.25 5.20
N SER B 313 -5.33 -10.77 4.96
CA SER B 313 -4.08 -10.08 5.21
C SER B 313 -3.89 -8.79 4.45
N TRP B 314 -3.32 -7.81 5.13
CA TRP B 314 -3.02 -6.51 4.52
C TRP B 314 -1.91 -6.68 3.48
N LEU B 315 -1.19 -7.81 3.59
CA LEU B 315 -0.09 -8.18 2.72
C LEU B 315 -0.46 -9.27 1.74
N TYR B 316 -1.76 -9.54 1.59
CA TYR B 316 -2.23 -10.55 0.62
C TYR B 316 -1.64 -10.16 -0.72
N THR B 317 -1.50 -8.84 -0.89
CA THR B 317 -0.88 -8.19 -2.05
C THR B 317 -0.04 -7.06 -1.51
N HIS B 318 1.23 -7.02 -1.91
CA HIS B 318 2.13 -5.94 -1.51
C HIS B 318 3.17 -5.76 -2.58
N GLN B 319 3.49 -4.50 -2.92
CA GLN B 319 4.45 -4.17 -3.98
C GLN B 319 3.96 -4.80 -5.29
N ASN B 320 2.64 -4.89 -5.44
CA ASN B 320 2.02 -5.47 -6.62
C ASN B 320 2.27 -6.92 -6.85
N LEU B 321 2.67 -7.63 -5.79
CA LEU B 321 2.95 -9.06 -5.86
C LEU B 321 2.00 -9.75 -4.93
N PRO B 322 1.70 -11.02 -5.21
CA PRO B 322 0.78 -11.76 -4.34
C PRO B 322 1.55 -12.35 -3.16
N ASP B 323 0.89 -12.55 -2.04
CA ASP B 323 1.54 -13.20 -0.93
C ASP B 323 0.58 -14.01 -0.10
N TRP B 324 1.14 -14.92 0.68
CA TRP B 324 0.37 -15.85 1.49
C TRP B 324 0.99 -15.80 2.88
N PRO B 325 0.83 -14.71 3.60
CA PRO B 325 1.38 -14.45 4.94
C PRO B 325 0.92 -15.08 6.25
N LEU B 326 -0.25 -15.73 6.26
CA LEU B 326 -0.78 -16.27 7.50
C LEU B 326 -0.82 -17.78 7.69
N LEU B 327 -1.41 -18.21 8.80
CA LEU B 327 -1.45 -19.62 9.12
C LEU B 327 -2.54 -20.38 8.38
N PHE B 328 -3.62 -19.70 8.01
CA PHE B 328 -4.70 -20.38 7.31
C PHE B 328 -4.80 -19.90 5.87
N ASN B 329 -4.96 -20.83 4.92
CA ASN B 329 -5.02 -20.48 3.51
C ASN B 329 -6.35 -19.87 3.06
N ASP B 330 -6.52 -19.77 1.75
CA ASP B 330 -7.70 -19.19 1.11
C ASP B 330 -8.97 -19.89 1.42
N ASN B 331 -8.89 -21.17 1.76
CA ASN B 331 -10.07 -21.97 2.08
C ASN B 331 -10.22 -22.20 3.56
N LEU B 332 -9.51 -21.44 4.37
CA LEU B 332 -9.55 -21.58 5.82
C LEU B 332 -9.01 -22.90 6.35
N GLN B 333 -8.09 -23.50 5.60
CA GLN B 333 -7.42 -24.74 6.00
C GLN B 333 -6.03 -24.41 6.57
N PRO B 334 -5.58 -25.18 7.58
CA PRO B 334 -4.27 -24.89 8.13
C PRO B 334 -3.13 -25.13 7.13
N LYS B 335 -2.13 -24.23 7.10
CA LYS B 335 -1.00 -24.37 6.20
C LYS B 335 0.20 -24.95 6.98
N PRO B 336 1.29 -25.28 6.28
CA PRO B 336 2.47 -25.81 6.96
C PRO B 336 2.93 -24.83 8.08
N ALA B 337 2.66 -23.54 7.89
CA ALA B 337 3.02 -22.51 8.87
C ALA B 337 2.40 -22.81 10.23
N TYR B 338 1.22 -23.44 10.18
CA TYR B 338 0.49 -23.80 11.41
C TYR B 338 1.27 -24.86 12.17
N GLN B 339 1.80 -25.84 11.42
CA GLN B 339 2.57 -26.94 12.00
C GLN B 339 3.86 -26.44 12.60
N GLY B 340 4.48 -25.46 11.95
CA GLY B 340 5.71 -24.90 12.48
C GLY B 340 5.45 -24.32 13.85
N VAL B 341 4.30 -23.66 14.01
CA VAL B 341 3.93 -23.04 15.30
C VAL B 341 3.69 -24.10 16.36
N VAL B 342 2.92 -25.13 16.00
CA VAL B 342 2.60 -26.24 16.88
C VAL B 342 3.90 -26.90 17.38
N GLU B 343 4.81 -27.22 16.46
CA GLU B 343 6.10 -27.82 16.81
C GLU B 343 6.96 -26.93 17.72
N ALA B 344 7.07 -25.63 17.42
CA ALA B 344 7.85 -24.74 18.26
C ALA B 344 7.24 -24.72 19.66
N LEU B 345 5.93 -24.52 19.77
CA LEU B 345 5.24 -24.44 21.07
C LEU B 345 5.34 -25.73 21.90
N SER B 346 5.48 -26.87 21.20
CA SER B 346 5.61 -28.19 21.84
C SER B 346 7.09 -28.64 21.97
N GLY B 347 7.56 -29.48 21.05
CA GLY B 347 8.94 -29.96 21.12
C GLY B 347 9.45 -30.44 19.76
O1 XYP C . -7.57 18.09 1.50
C1 XYP C . -6.51 18.09 0.60
C2 XYP C . -5.36 18.79 1.29
C3 XYP C . -4.12 18.63 0.50
C4 XYP C . -3.85 17.15 0.36
C5 XYP C . -4.99 16.58 -0.45
O2 XYP C . -5.69 20.18 1.37
O3 XYP C . -3.05 19.26 1.22
O4 XYP C . -2.60 16.94 -0.30
O5 XYP C . -6.22 16.74 0.28
C1 XYP C . -2.39 15.93 -1.27
C2 XYP C . -0.98 16.04 -1.79
C3 XYP C . -0.85 15.05 -2.90
C4 XYP C . -1.05 13.66 -2.35
C5 XYP C . -2.37 13.61 -1.58
O2 XYP C . -0.77 17.36 -2.28
O3 XYP C . 0.44 15.17 -3.51
O4 XYP C . -1.18 12.81 -3.47
O5 XYP C . -2.54 14.70 -0.64
C1 XYP C . -0.87 11.43 -3.44
C2 XYP C . -1.77 10.72 -4.47
C3 XYP C . -1.36 9.26 -4.60
C4 XYP C . 0.13 9.18 -4.86
C5 XYP C . 0.88 9.93 -3.79
O2 XYP C . -3.14 10.79 -4.01
O3 XYP C . -2.04 8.66 -5.70
O4 XYP C . 0.54 7.83 -4.85
O5 XYP C . 0.47 11.30 -3.78
C1 XYP C . 1.20 7.32 -6.00
C2 XYP C . 1.89 6.06 -5.58
C3 XYP C . 2.49 5.39 -6.79
C4 XYP C . 1.39 5.10 -7.76
C5 XYP C . 0.73 6.42 -8.14
O2 XYP C . 2.94 6.45 -4.67
O3 XYP C . 3.12 4.18 -6.43
O4 XYP C . 1.96 4.48 -8.91
O5 XYP C . 0.20 7.09 -6.97
C1 XYP C . 1.15 3.56 -9.67
C2 XYP C . 1.98 3.01 -10.82
C3 XYP C . 1.23 1.91 -11.54
C4 XYP C . 0.67 0.89 -10.56
C5 XYP C . -0.07 1.57 -9.45
O2 XYP C . 2.17 4.10 -11.73
O3 XYP C . 2.11 1.25 -12.46
O4 XYP C . -0.21 0.00 -11.25
O5 XYP C . 0.75 2.54 -8.78
O1 XYP D . 17.59 -8.75 0.80
C1 XYP D . 17.41 -7.91 1.89
C2 XYP D . 18.28 -6.70 1.66
C3 XYP D . 17.98 -5.64 2.66
C4 XYP D . 16.52 -5.30 2.52
C5 XYP D . 15.75 -6.53 2.90
O2 XYP D . 19.65 -7.11 1.82
O3 XYP D . 18.78 -4.51 2.34
O4 XYP D . 16.20 -4.19 3.38
O5 XYP D . 16.03 -7.59 1.95
C1 XYP D . 14.99 -4.12 4.13
C2 XYP D . 15.02 -2.87 4.96
C3 XYP D . 13.80 -2.90 5.82
C4 XYP D . 12.58 -2.87 4.95
C5 XYP D . 12.67 -3.97 3.91
O2 XYP D . 16.19 -2.88 5.78
O3 XYP D . 13.81 -1.78 6.72
O4 XYP D . 11.49 -3.16 5.80
O5 XYP D . 13.93 -4.04 3.22
C1 XYP D . 10.15 -2.75 5.54
C2 XYP D . 9.19 -3.78 6.15
C3 XYP D . 7.76 -3.28 6.04
C4 XYP D . 7.67 -1.89 6.61
C5 XYP D . 8.67 -0.99 5.94
O2 XYP D . 9.34 -5.02 5.41
O3 XYP D . 6.91 -4.14 6.79
O4 XYP D . 6.38 -1.37 6.40
O5 XYP D . 10.00 -1.49 6.14
C1 XYP D . 5.63 -0.94 7.52
C2 XYP D . 4.51 -0.07 7.00
C3 XYP D . 3.60 0.30 8.14
C4 XYP D . 3.07 -0.95 8.74
C5 XYP D . 4.24 -1.79 9.25
O2 XYP D . 5.14 1.11 6.47
O3 XYP D . 2.54 1.09 7.67
O4 XYP D . 2.21 -0.59 9.83
O5 XYP D . 5.15 -2.09 8.17
C1 XYP D . 1.11 -1.47 10.16
C2 XYP D . 0.34 -0.87 11.31
C3 XYP D . -0.93 -1.67 11.58
C4 XYP D . -1.70 -1.90 10.31
C5 XYP D . -0.80 -2.45 9.23
O2 XYP D . 1.19 -0.96 12.46
O3 XYP D . -1.76 -0.94 12.51
O4 XYP D . -2.75 -2.84 10.56
O5 XYP D . 0.31 -1.57 8.99
CA CA E . -11.01 12.57 5.43
CA CA F . 13.04 -10.81 -4.93
#